data_2BCK
#
_entry.id   2BCK
#
_cell.length_a   125.505
_cell.length_b   132.186
_cell.length_c   91.197
_cell.angle_alpha   90.00
_cell.angle_beta   128.80
_cell.angle_gamma   90.00
#
_symmetry.space_group_name_H-M   'C 1 2 1'
#
loop_
_entity.id
_entity.type
_entity.pdbx_description
1 polymer 'HLA class I histocompatibility antigen, A-24 alpha chain'
2 polymer Beta-2-microglobulin
3 polymer 'Telomerase reverse transcriptase'
4 non-polymer 'SULFATE ION'
5 non-polymer GLYCEROL
6 water water
#
loop_
_entity_poly.entity_id
_entity_poly.type
_entity_poly.pdbx_seq_one_letter_code
_entity_poly.pdbx_strand_id
1 'polypeptide(L)'
;GSHSMRYFSTSVSRPGRGEPRFIAVGYVDDTQFVRFDSDAASQRMEPRAPWIEQEGPEYWDEETGKVKAHSQTDRENLRI
ALRYYNQSEAGSHTLQMMFGCDVGSDGRFLRGYHQYAYDGKDYIALKEDLRSWTAADMAAQITKRKWEAAHVAEQQRAYL
EGTCVDGLRRYLENGKETLQRTDPPKTHMTHHPISDHEATLRCWALGFYPAEITLTWQRDGEDQTQDTELVETRPAGDGT
FQKWAAVVVPSGEEQRYTCHVQHEGLPKPLTLRWEPGSGGGLNDIFEAQKIEWH
;
A,D
2 'polypeptide(L)'
;MIQRTPKIQVYSRHPAENGKSNFLNCYVSGFHPSDIEVDLLKNGERIEKVEHSDLSFSKDWSFYLLYYTEFTPTEKDEYA
CRVNHVTLSQPKIVKWDRDM
;
B,E
3 'polypeptide(L)' VYGFVRACL C,F
#
loop_
_chem_comp.id
_chem_comp.type
_chem_comp.name
_chem_comp.formula
GOL non-polymer GLYCEROL 'C3 H8 O3'
SO4 non-polymer 'SULFATE ION' 'O4 S -2'
#
# COMPACT_ATOMS: atom_id res chain seq x y z
N GLY A 1 -36.71 -8.65 -26.56
CA GLY A 1 -35.25 -8.71 -26.82
C GLY A 1 -34.46 -8.50 -25.56
N SER A 2 -33.13 -8.57 -25.68
CA SER A 2 -32.25 -8.40 -24.54
C SER A 2 -32.25 -6.97 -24.04
N HIS A 3 -31.86 -6.81 -22.78
CA HIS A 3 -31.76 -5.51 -22.14
C HIS A 3 -30.65 -5.61 -21.13
N SER A 4 -30.23 -4.45 -20.59
CA SER A 4 -29.13 -4.42 -19.65
C SER A 4 -29.08 -3.16 -18.81
N MET A 5 -28.55 -3.29 -17.60
CA MET A 5 -28.40 -2.16 -16.74
C MET A 5 -26.90 -2.03 -16.44
N ARG A 6 -26.42 -0.78 -16.32
CA ARG A 6 -25.01 -0.49 -16.06
C ARG A 6 -24.79 0.74 -15.24
N TYR A 7 -23.87 0.63 -14.31
CA TYR A 7 -23.48 1.76 -13.51
C TYR A 7 -22.00 1.98 -13.77
N PHE A 8 -21.66 3.21 -14.17
CA PHE A 8 -20.28 3.57 -14.44
C PHE A 8 -19.83 4.62 -13.44
N SER A 9 -18.64 4.43 -12.86
CA SER A 9 -18.10 5.38 -11.87
C SER A 9 -16.71 5.86 -12.24
N THR A 10 -16.39 7.10 -11.88
CA THR A 10 -15.07 7.66 -12.19
C THR A 10 -14.58 8.50 -11.00
N SER A 11 -13.39 8.17 -10.52
CA SER A 11 -12.81 8.85 -9.38
C SER A 11 -11.43 9.36 -9.76
N VAL A 12 -11.24 10.68 -9.68
CA VAL A 12 -9.94 11.30 -10.05
C VAL A 12 -9.36 12.09 -8.88
N SER A 13 -8.08 11.87 -8.60
CA SER A 13 -7.41 12.56 -7.50
C SER A 13 -6.97 13.97 -7.95
N ARG A 14 -7.06 14.92 -7.03
CA ARG A 14 -6.68 16.31 -7.31
C ARG A 14 -5.63 16.82 -6.35
N PRO A 15 -4.39 16.35 -6.51
CA PRO A 15 -3.29 16.76 -5.65
C PRO A 15 -3.22 18.27 -5.38
N GLY A 16 -3.29 18.65 -4.10
CA GLY A 16 -3.23 20.05 -3.67
C GLY A 16 -4.50 20.84 -3.94
N ARG A 17 -5.61 20.15 -4.16
CA ARG A 17 -6.88 20.81 -4.45
C ARG A 17 -8.09 20.11 -3.81
N GLY A 18 -7.86 19.39 -2.73
CA GLY A 18 -8.95 18.71 -2.03
C GLY A 18 -9.20 17.25 -2.40
N GLU A 19 -10.38 16.78 -2.01
CA GLU A 19 -10.80 15.41 -2.24
C GLU A 19 -10.88 15.06 -3.71
N PRO A 20 -10.83 13.74 -4.02
CA PRO A 20 -10.96 13.36 -5.40
C PRO A 20 -12.38 13.59 -5.80
N ARG A 21 -12.63 13.61 -7.11
CA ARG A 21 -13.95 13.84 -7.65
C ARG A 21 -14.58 12.51 -8.04
N PHE A 22 -15.81 12.27 -7.58
CA PHE A 22 -16.53 11.02 -7.89
C PHE A 22 -17.79 11.27 -8.75
N ILE A 23 -17.81 10.66 -9.94
CA ILE A 23 -18.92 10.79 -10.85
C ILE A 23 -19.48 9.41 -11.15
N ALA A 24 -20.74 9.18 -10.79
CA ALA A 24 -21.40 7.90 -11.03
C ALA A 24 -22.64 8.07 -11.88
N VAL A 25 -22.76 7.22 -12.88
CA VAL A 25 -23.85 7.29 -13.81
C VAL A 25 -24.47 5.93 -14.01
N GLY A 26 -25.78 5.89 -14.22
CA GLY A 26 -26.46 4.63 -14.41
C GLY A 26 -27.31 4.61 -15.65
N TYR A 27 -27.15 3.54 -16.45
CA TYR A 27 -27.92 3.38 -17.69
C TYR A 27 -28.72 2.08 -17.73
N VAL A 28 -29.79 2.12 -18.51
CA VAL A 28 -30.60 0.96 -18.81
C VAL A 28 -30.49 1.04 -20.31
N ASP A 29 -29.74 0.11 -20.89
CA ASP A 29 -29.50 0.12 -22.32
C ASP A 29 -28.79 1.43 -22.67
N ASP A 30 -29.26 2.14 -23.68
CA ASP A 30 -28.61 3.36 -24.08
C ASP A 30 -29.25 4.63 -23.46
N THR A 31 -30.05 4.44 -22.40
CA THR A 31 -30.76 5.54 -21.73
C THR A 31 -30.27 5.81 -20.30
N GLN A 32 -29.71 7.00 -20.08
CA GLN A 32 -29.24 7.36 -18.75
C GLN A 32 -30.46 7.72 -17.89
N PHE A 33 -30.48 7.21 -16.65
CA PHE A 33 -31.60 7.50 -15.76
C PHE A 33 -31.21 8.06 -14.38
N VAL A 34 -29.92 8.08 -14.06
CA VAL A 34 -29.47 8.63 -12.79
C VAL A 34 -28.02 9.06 -12.84
N ARG A 35 -27.60 9.80 -11.81
CA ARG A 35 -26.22 10.24 -11.72
C ARG A 35 -25.86 10.62 -10.31
N PHE A 36 -24.57 10.83 -10.07
CA PHE A 36 -24.10 11.30 -8.77
C PHE A 36 -22.78 12.04 -8.96
N ASP A 37 -22.70 13.25 -8.38
CA ASP A 37 -21.51 14.07 -8.47
C ASP A 37 -21.12 14.52 -7.07
N SER A 38 -19.92 14.11 -6.64
CA SER A 38 -19.43 14.44 -5.29
C SER A 38 -19.24 15.94 -5.06
N ASP A 39 -18.97 16.70 -6.12
CA ASP A 39 -18.80 18.14 -6.01
C ASP A 39 -20.10 18.88 -6.24
N ALA A 40 -21.16 18.12 -6.56
CA ALA A 40 -22.49 18.70 -6.77
C ALA A 40 -23.06 19.30 -5.49
N ALA A 41 -23.93 20.30 -5.68
CA ALA A 41 -24.56 21.00 -4.57
C ALA A 41 -25.40 20.10 -3.67
N SER A 42 -26.41 19.45 -4.28
CA SER A 42 -27.34 18.58 -3.54
C SER A 42 -26.61 17.54 -2.71
N GLN A 43 -25.59 16.92 -3.30
CA GLN A 43 -24.80 15.91 -2.61
C GLN A 43 -25.69 14.64 -2.44
N ARG A 44 -26.61 14.44 -3.38
CA ARG A 44 -27.51 13.29 -3.36
C ARG A 44 -27.71 12.76 -4.77
N MET A 45 -28.12 11.50 -4.88
CA MET A 45 -28.37 10.86 -6.18
C MET A 45 -29.43 11.67 -6.86
N GLU A 46 -29.39 11.70 -8.19
CA GLU A 46 -30.38 12.47 -8.94
C GLU A 46 -30.90 11.74 -10.16
N PRO A 47 -32.13 12.08 -10.58
CA PRO A 47 -32.77 11.49 -11.73
C PRO A 47 -32.39 12.20 -13.04
N ARG A 48 -32.11 11.41 -14.09
CA ARG A 48 -31.74 11.95 -15.41
C ARG A 48 -32.66 11.39 -16.50
N ALA A 49 -33.81 10.87 -16.09
CA ALA A 49 -34.80 10.35 -17.03
C ALA A 49 -36.16 10.58 -16.42
N PRO A 50 -37.17 10.88 -17.25
CA PRO A 50 -38.53 11.14 -16.75
C PRO A 50 -39.20 9.99 -15.94
N TRP A 51 -39.11 8.75 -16.43
CA TRP A 51 -39.76 7.60 -15.76
C TRP A 51 -39.16 7.17 -14.41
N ILE A 52 -38.04 7.74 -14.00
CA ILE A 52 -37.45 7.39 -12.70
C ILE A 52 -37.92 8.39 -11.66
N GLU A 53 -38.69 9.38 -12.09
CA GLU A 53 -39.22 10.40 -11.19
C GLU A 53 -40.15 9.74 -10.19
N GLN A 54 -41.12 9.00 -10.72
CA GLN A 54 -42.11 8.29 -9.90
C GLN A 54 -41.47 7.33 -8.89
N GLU A 55 -40.64 7.88 -8.01
CA GLU A 55 -39.95 7.08 -7.00
C GLU A 55 -40.03 7.75 -5.65
N GLY A 56 -40.40 6.97 -4.64
CA GLY A 56 -40.54 7.48 -3.30
C GLY A 56 -39.24 7.99 -2.74
N PRO A 57 -39.33 8.85 -1.70
CA PRO A 57 -38.13 9.40 -1.06
C PRO A 57 -37.21 8.30 -0.51
N GLU A 58 -37.76 7.10 -0.31
CA GLU A 58 -37.01 5.96 0.21
C GLU A 58 -35.99 5.48 -0.82
N TYR A 59 -36.34 5.59 -2.10
CA TYR A 59 -35.43 5.20 -3.15
C TYR A 59 -34.23 6.13 -3.13
N TRP A 60 -34.50 7.43 -3.24
CA TRP A 60 -33.44 8.42 -3.25
C TRP A 60 -32.53 8.36 -2.03
N ASP A 61 -33.08 7.93 -0.89
CA ASP A 61 -32.28 7.78 0.35
C ASP A 61 -31.35 6.59 0.27
N GLU A 62 -31.88 5.45 -0.14
CA GLU A 62 -31.10 4.21 -0.26
C GLU A 62 -30.04 4.38 -1.30
N GLU A 63 -30.44 4.85 -2.48
CA GLU A 63 -29.52 5.04 -3.58
C GLU A 63 -28.42 6.00 -3.20
N THR A 64 -28.78 7.13 -2.62
CA THR A 64 -27.78 8.11 -2.19
C THR A 64 -26.79 7.45 -1.20
N GLY A 65 -27.30 6.67 -0.27
CA GLY A 65 -26.45 6.00 0.71
C GLY A 65 -25.48 5.00 0.08
N LYS A 66 -25.96 4.21 -0.87
CA LYS A 66 -25.13 3.21 -1.55
C LYS A 66 -24.05 3.85 -2.40
N VAL A 67 -24.44 4.81 -3.23
CA VAL A 67 -23.47 5.46 -4.12
C VAL A 67 -22.52 6.36 -3.32
N LYS A 68 -23.05 7.07 -2.32
CA LYS A 68 -22.27 7.99 -1.49
C LYS A 68 -21.22 7.18 -0.73
N ALA A 69 -21.52 5.89 -0.52
CA ALA A 69 -20.59 4.98 0.15
C ALA A 69 -19.53 4.53 -0.82
N HIS A 70 -19.94 4.33 -2.07
CA HIS A 70 -19.01 3.90 -3.12
C HIS A 70 -17.98 5.02 -3.40
N SER A 71 -18.34 6.24 -3.09
CA SER A 71 -17.43 7.36 -3.23
C SER A 71 -16.29 7.13 -2.25
N GLN A 72 -16.69 6.94 -0.99
CA GLN A 72 -15.76 6.74 0.12
C GLN A 72 -14.86 5.57 -0.12
N THR A 73 -15.44 4.44 -0.48
CA THR A 73 -14.64 3.26 -0.72
C THR A 73 -13.60 3.47 -1.86
N ASP A 74 -13.98 4.15 -2.95
CA ASP A 74 -13.02 4.39 -4.06
C ASP A 74 -11.98 5.47 -3.71
N ARG A 75 -12.34 6.43 -2.87
CA ARG A 75 -11.39 7.44 -2.44
C ARG A 75 -10.27 6.72 -1.65
N GLU A 76 -10.66 5.79 -0.80
CA GLU A 76 -9.74 4.99 0.00
C GLU A 76 -8.83 4.19 -0.93
N ASN A 77 -9.42 3.62 -1.97
CA ASN A 77 -8.66 2.83 -2.91
C ASN A 77 -7.52 3.58 -3.58
N LEU A 78 -7.80 4.74 -4.16
CA LEU A 78 -6.73 5.55 -4.78
C LEU A 78 -5.49 5.52 -3.87
N ARG A 79 -5.71 5.83 -2.58
CA ARG A 79 -4.65 5.82 -1.56
C ARG A 79 -3.86 4.52 -1.56
N ILE A 80 -4.58 3.40 -1.56
CA ILE A 80 -3.96 2.09 -1.53
C ILE A 80 -3.10 1.90 -2.78
N ALA A 81 -3.68 2.19 -3.94
CA ALA A 81 -2.97 2.04 -5.19
C ALA A 81 -1.64 2.81 -5.15
N LEU A 82 -1.64 3.99 -4.51
CA LEU A 82 -0.40 4.78 -4.41
C LEU A 82 0.70 4.00 -3.69
N ARG A 83 0.32 3.34 -2.59
CA ARG A 83 1.26 2.60 -1.80
C ARG A 83 1.75 1.40 -2.63
N TYR A 84 0.82 0.63 -3.22
CA TYR A 84 1.18 -0.55 -4.01
C TYR A 84 2.18 -0.22 -5.08
N TYR A 85 1.88 0.83 -5.86
CA TYR A 85 2.74 1.21 -6.99
C TYR A 85 3.81 2.21 -6.65
N ASN A 86 3.89 2.55 -5.38
CA ASN A 86 4.89 3.46 -4.93
C ASN A 86 4.84 4.74 -5.74
N GLN A 87 3.64 5.29 -5.90
CA GLN A 87 3.48 6.51 -6.68
C GLN A 87 3.36 7.70 -5.77
N SER A 88 3.79 8.84 -6.27
CA SER A 88 3.74 10.09 -5.51
C SER A 88 2.32 10.63 -5.38
N GLU A 89 2.01 11.20 -4.22
CA GLU A 89 0.67 11.76 -3.99
C GLU A 89 0.48 13.09 -4.73
N ALA A 90 1.57 13.66 -5.22
CA ALA A 90 1.52 14.92 -5.98
C ALA A 90 1.04 14.72 -7.44
N GLY A 91 0.64 13.50 -7.77
CA GLY A 91 0.16 13.18 -9.10
C GLY A 91 -1.30 12.76 -9.12
N SER A 92 -1.98 13.04 -10.23
CA SER A 92 -3.38 12.71 -10.40
C SER A 92 -3.53 11.31 -10.96
N HIS A 93 -4.54 10.59 -10.48
CA HIS A 93 -4.77 9.22 -10.91
C HIS A 93 -6.27 8.93 -11.01
N THR A 94 -6.62 7.98 -11.88
CA THR A 94 -8.01 7.66 -12.10
C THR A 94 -8.36 6.28 -11.69
N LEU A 95 -9.59 6.12 -11.19
CA LEU A 95 -10.09 4.82 -10.78
C LEU A 95 -11.49 4.65 -11.35
N GLN A 96 -11.61 3.74 -12.29
CA GLN A 96 -12.87 3.52 -12.95
C GLN A 96 -13.44 2.18 -12.58
N MET A 97 -14.76 2.15 -12.39
CA MET A 97 -15.45 0.91 -12.07
C MET A 97 -16.69 0.80 -12.91
N MET A 98 -17.09 -0.44 -13.17
CA MET A 98 -18.26 -0.68 -13.96
C MET A 98 -18.90 -1.98 -13.50
N PHE A 99 -20.18 -1.91 -13.10
CA PHE A 99 -20.91 -3.12 -12.70
C PHE A 99 -22.33 -3.13 -13.31
N GLY A 100 -22.92 -4.33 -13.42
CA GLY A 100 -24.28 -4.45 -13.99
C GLY A 100 -24.63 -5.83 -14.52
N CYS A 101 -25.84 -5.97 -15.04
CA CYS A 101 -26.31 -7.23 -15.55
C CYS A 101 -27.06 -7.13 -16.89
N ASP A 102 -27.40 -8.31 -17.43
CA ASP A 102 -28.13 -8.48 -18.69
C ASP A 102 -29.34 -9.40 -18.53
N VAL A 103 -30.29 -9.31 -19.47
CA VAL A 103 -31.48 -10.18 -19.45
C VAL A 103 -31.89 -10.51 -20.89
N GLY A 104 -32.78 -11.49 -21.04
CA GLY A 104 -33.27 -11.90 -22.35
C GLY A 104 -34.73 -11.51 -22.49
N SER A 105 -35.36 -11.91 -23.60
CA SER A 105 -36.78 -11.61 -23.82
C SER A 105 -37.57 -12.05 -22.61
N ASP A 106 -37.10 -13.13 -21.99
CA ASP A 106 -37.71 -13.73 -20.81
C ASP A 106 -37.81 -12.75 -19.64
N GLY A 107 -36.69 -12.07 -19.39
CA GLY A 107 -36.55 -11.19 -18.25
C GLY A 107 -35.75 -12.04 -17.27
N ARG A 108 -35.05 -13.01 -17.84
CA ARG A 108 -34.25 -13.97 -17.12
C ARG A 108 -32.82 -13.47 -17.13
N PHE A 109 -32.03 -13.89 -16.14
CA PHE A 109 -30.62 -13.47 -16.05
C PHE A 109 -29.73 -14.11 -17.14
N LEU A 110 -28.82 -13.32 -17.70
CA LEU A 110 -27.90 -13.77 -18.75
C LEU A 110 -26.43 -13.65 -18.40
N ARG A 111 -26.02 -12.44 -17.99
CA ARG A 111 -24.61 -12.18 -17.72
C ARG A 111 -24.43 -11.06 -16.70
N GLY A 112 -23.35 -11.12 -15.93
CA GLY A 112 -23.07 -10.08 -14.91
C GLY A 112 -21.70 -9.43 -15.05
N TYR A 113 -21.51 -8.26 -14.45
CA TYR A 113 -20.23 -7.56 -14.55
C TYR A 113 -19.87 -6.78 -13.30
N HIS A 114 -18.61 -6.91 -12.90
CA HIS A 114 -18.04 -6.19 -11.74
C HIS A 114 -16.58 -6.01 -12.12
N GLN A 115 -16.21 -4.79 -12.52
CA GLN A 115 -14.86 -4.54 -12.96
C GLN A 115 -14.30 -3.25 -12.51
N TYR A 116 -12.97 -3.22 -12.43
CA TYR A 116 -12.20 -2.06 -12.04
C TYR A 116 -11.08 -1.75 -13.05
N ALA A 117 -10.67 -0.48 -13.10
CA ALA A 117 -9.61 -0.03 -13.98
C ALA A 117 -8.84 1.11 -13.34
N TYR A 118 -7.52 0.97 -13.29
CA TYR A 118 -6.68 2.01 -12.69
C TYR A 118 -5.82 2.64 -13.80
N ASP A 119 -5.85 3.97 -13.84
CA ASP A 119 -5.11 4.77 -14.83
C ASP A 119 -5.35 4.29 -16.28
N GLY A 120 -6.59 4.01 -16.61
CA GLY A 120 -6.94 3.63 -17.94
C GLY A 120 -6.70 2.19 -18.35
N LYS A 121 -6.21 1.35 -17.45
CA LYS A 121 -6.02 -0.07 -17.81
C LYS A 121 -6.69 -0.96 -16.79
N ASP A 122 -7.04 -2.17 -17.20
CA ASP A 122 -7.72 -3.13 -16.35
C ASP A 122 -6.93 -3.40 -15.10
N TYR A 123 -7.60 -3.43 -13.96
CA TYR A 123 -6.93 -3.70 -12.70
C TYR A 123 -7.34 -5.06 -12.20
N ILE A 124 -8.65 -5.24 -12.01
CA ILE A 124 -9.19 -6.53 -11.57
C ILE A 124 -10.60 -6.68 -12.12
N ALA A 125 -10.99 -7.93 -12.43
CA ALA A 125 -12.31 -8.18 -12.99
C ALA A 125 -12.92 -9.53 -12.63
N LEU A 126 -14.24 -9.52 -12.45
CA LEU A 126 -14.96 -10.74 -12.13
C LEU A 126 -15.18 -11.48 -13.42
N LYS A 127 -14.84 -12.77 -13.43
CA LYS A 127 -15.01 -13.58 -14.62
C LYS A 127 -16.48 -13.83 -14.91
N GLU A 128 -16.74 -14.49 -16.03
CA GLU A 128 -18.08 -14.78 -16.51
C GLU A 128 -18.86 -15.66 -15.53
N ASP A 129 -18.21 -16.64 -14.90
CA ASP A 129 -18.90 -17.56 -13.98
C ASP A 129 -19.27 -16.92 -12.65
N LEU A 130 -18.92 -15.65 -12.48
CA LEU A 130 -19.19 -14.91 -11.26
C LEU A 130 -18.72 -15.66 -10.02
N ARG A 131 -17.61 -16.37 -10.13
CA ARG A 131 -17.08 -17.12 -8.99
C ARG A 131 -15.57 -16.88 -8.77
N SER A 132 -14.87 -16.34 -9.77
CA SER A 132 -13.43 -16.09 -9.65
C SER A 132 -13.03 -14.78 -10.33
N TRP A 133 -11.88 -14.24 -9.95
CA TRP A 133 -11.39 -12.95 -10.51
C TRP A 133 -10.26 -13.06 -11.55
N THR A 134 -10.01 -11.95 -12.25
CA THR A 134 -8.97 -11.85 -13.25
C THR A 134 -8.11 -10.68 -12.88
N ALA A 135 -6.94 -10.96 -12.31
CA ALA A 135 -6.03 -9.92 -11.87
C ALA A 135 -5.06 -9.54 -12.96
N ALA A 136 -4.98 -8.24 -13.27
CA ALA A 136 -4.09 -7.75 -14.32
C ALA A 136 -2.62 -7.86 -13.92
N ASP A 137 -2.21 -7.17 -12.87
CA ASP A 137 -0.81 -7.23 -12.40
C ASP A 137 -0.66 -7.80 -10.98
N MET A 138 0.58 -7.77 -10.50
CA MET A 138 0.90 -8.29 -9.18
C MET A 138 0.22 -7.49 -8.07
N ALA A 139 0.00 -6.20 -8.32
CA ALA A 139 -0.70 -5.36 -7.34
C ALA A 139 -2.09 -5.93 -7.17
N ALA A 140 -2.78 -6.17 -8.29
CA ALA A 140 -4.12 -6.78 -8.27
C ALA A 140 -4.09 -8.18 -7.67
N GLN A 141 -2.99 -8.92 -7.92
CA GLN A 141 -2.83 -10.28 -7.36
C GLN A 141 -3.05 -10.27 -5.87
N ILE A 142 -2.57 -9.24 -5.19
CA ILE A 142 -2.78 -9.12 -3.75
C ILE A 142 -4.27 -9.00 -3.50
N THR A 143 -4.87 -7.98 -4.13
CA THR A 143 -6.30 -7.72 -4.02
C THR A 143 -7.07 -9.01 -4.22
N LYS A 144 -6.82 -9.68 -5.34
CA LYS A 144 -7.47 -10.96 -5.66
C LYS A 144 -7.38 -11.94 -4.48
N ARG A 145 -6.22 -12.05 -3.89
CA ARG A 145 -6.09 -12.97 -2.77
C ARG A 145 -6.93 -12.50 -1.57
N LYS A 146 -6.94 -11.18 -1.30
CA LYS A 146 -7.75 -10.63 -0.19
C LYS A 146 -9.23 -10.82 -0.46
N TRP A 147 -9.67 -10.38 -1.62
CA TRP A 147 -11.06 -10.51 -2.02
C TRP A 147 -11.58 -11.95 -1.96
N GLU A 148 -10.72 -12.93 -2.25
CA GLU A 148 -11.12 -14.32 -2.16
C GLU A 148 -11.39 -14.63 -0.71
N ALA A 149 -10.52 -14.15 0.17
CA ALA A 149 -10.66 -14.38 1.60
C ALA A 149 -11.92 -13.76 2.17
N ALA A 150 -12.29 -12.59 1.65
CA ALA A 150 -13.48 -11.87 2.11
C ALA A 150 -14.75 -12.30 1.37
N HIS A 151 -14.60 -13.21 0.39
CA HIS A 151 -15.74 -13.73 -0.37
C HIS A 151 -16.48 -12.60 -1.09
N VAL A 152 -15.73 -11.65 -1.65
CA VAL A 152 -16.36 -10.52 -2.33
C VAL A 152 -17.18 -10.99 -3.51
N ALA A 153 -16.72 -12.04 -4.18
CA ALA A 153 -17.40 -12.59 -5.36
C ALA A 153 -18.82 -13.06 -5.10
N GLU A 154 -19.05 -13.83 -4.04
CA GLU A 154 -20.42 -14.33 -3.76
C GLU A 154 -21.35 -13.20 -3.28
N GLN A 155 -20.81 -12.22 -2.59
CA GLN A 155 -21.60 -11.08 -2.18
C GLN A 155 -22.10 -10.37 -3.48
N GLN A 156 -21.23 -10.34 -4.50
CA GLN A 156 -21.52 -9.69 -5.77
C GLN A 156 -22.39 -10.53 -6.68
N ARG A 157 -22.23 -11.85 -6.65
CA ARG A 157 -23.11 -12.70 -7.46
C ARG A 157 -24.53 -12.56 -6.91
N ALA A 158 -24.65 -12.31 -5.61
CA ALA A 158 -25.96 -12.16 -4.97
C ALA A 158 -26.70 -10.95 -5.55
N TYR A 159 -25.97 -9.87 -5.78
CA TYR A 159 -26.53 -8.65 -6.34
C TYR A 159 -26.88 -8.86 -7.82
N LEU A 160 -25.87 -9.19 -8.60
CA LEU A 160 -26.04 -9.40 -10.04
C LEU A 160 -27.17 -10.38 -10.40
N GLU A 161 -27.05 -11.63 -9.96
CA GLU A 161 -28.09 -12.62 -10.26
C GLU A 161 -29.44 -12.31 -9.61
N GLY A 162 -29.45 -11.67 -8.45
CA GLY A 162 -30.70 -11.37 -7.76
C GLY A 162 -31.21 -9.96 -7.94
N THR A 163 -30.91 -9.11 -6.97
CA THR A 163 -31.34 -7.71 -6.97
C THR A 163 -31.21 -7.00 -8.29
N CYS A 164 -30.02 -7.02 -8.87
CA CYS A 164 -29.75 -6.35 -10.13
C CYS A 164 -30.87 -6.55 -11.16
N VAL A 165 -31.15 -7.82 -11.49
CA VAL A 165 -32.18 -8.15 -12.48
C VAL A 165 -33.59 -7.69 -12.07
N ASP A 166 -33.88 -7.75 -10.78
CA ASP A 166 -35.21 -7.32 -10.29
C ASP A 166 -35.41 -5.85 -10.59
N GLY A 167 -34.42 -5.03 -10.24
CA GLY A 167 -34.47 -3.59 -10.48
C GLY A 167 -34.53 -3.26 -11.96
N LEU A 168 -34.03 -4.16 -12.80
CA LEU A 168 -34.04 -3.93 -14.25
C LEU A 168 -35.42 -4.19 -14.81
N ARG A 169 -36.05 -5.29 -14.36
CA ARG A 169 -37.40 -5.63 -14.84
C ARG A 169 -38.38 -4.58 -14.38
N ARG A 170 -38.10 -3.99 -13.23
CA ARG A 170 -38.95 -2.96 -12.68
C ARG A 170 -38.85 -1.68 -13.50
N TYR A 171 -37.65 -1.39 -13.99
CA TYR A 171 -37.46 -0.20 -14.79
C TYR A 171 -38.02 -0.39 -16.20
N LEU A 172 -37.91 -1.60 -16.73
CA LEU A 172 -38.40 -1.91 -18.08
C LEU A 172 -39.92 -1.90 -18.17
N GLU A 173 -40.58 -2.19 -17.05
CA GLU A 173 -42.02 -2.22 -17.02
C GLU A 173 -42.47 -0.82 -16.60
N ASN A 174 -41.88 -0.32 -15.51
CA ASN A 174 -42.22 1.01 -15.00
C ASN A 174 -41.73 2.14 -15.95
N GLY A 175 -41.06 1.75 -17.03
CA GLY A 175 -40.54 2.69 -18.03
C GLY A 175 -40.79 2.20 -19.44
N LYS A 176 -41.80 1.32 -19.62
CA LYS A 176 -42.14 0.78 -20.93
C LYS A 176 -42.03 1.81 -22.02
N GLU A 177 -42.81 2.88 -21.86
CA GLU A 177 -42.90 3.97 -22.84
C GLU A 177 -41.60 4.22 -23.60
N THR A 178 -40.53 4.53 -22.88
CA THR A 178 -39.23 4.83 -23.49
C THR A 178 -38.30 3.65 -23.66
N LEU A 179 -38.07 2.92 -22.56
CA LEU A 179 -37.12 1.81 -22.58
C LEU A 179 -37.36 0.71 -23.64
N GLN A 180 -38.61 0.52 -24.07
CA GLN A 180 -38.93 -0.51 -25.09
C GLN A 180 -39.34 0.14 -26.40
N ARG A 181 -38.83 1.34 -26.57
CA ARG A 181 -39.02 2.15 -27.76
C ARG A 181 -38.02 1.68 -28.80
N THR A 182 -38.49 1.51 -30.02
CA THR A 182 -37.62 1.08 -31.09
C THR A 182 -37.83 2.01 -32.28
N ASP A 183 -36.96 3.01 -32.39
CA ASP A 183 -37.06 3.99 -33.46
C ASP A 183 -36.24 3.60 -34.66
N PRO A 184 -36.90 3.47 -35.83
CA PRO A 184 -36.17 3.13 -37.04
C PRO A 184 -35.36 4.33 -37.50
N PRO A 185 -34.25 4.10 -38.22
CA PRO A 185 -33.39 5.17 -38.70
C PRO A 185 -33.94 5.87 -39.96
N LYS A 186 -33.84 7.20 -39.97
CA LYS A 186 -34.29 8.00 -41.11
C LYS A 186 -33.08 8.25 -42.03
N THR A 187 -32.91 7.39 -43.01
CA THR A 187 -31.77 7.45 -43.94
C THR A 187 -31.79 8.56 -45.03
N HIS A 188 -30.81 8.48 -45.95
CA HIS A 188 -30.63 9.40 -47.14
C HIS A 188 -29.13 9.43 -47.53
N MET A 189 -28.81 9.94 -48.73
CA MET A 189 -27.42 10.02 -49.19
C MET A 189 -27.02 11.41 -49.61
N THR A 190 -25.74 11.67 -49.64
CA THR A 190 -25.26 12.93 -50.11
C THR A 190 -24.09 12.64 -51.03
N HIS A 191 -24.04 13.35 -52.15
CA HIS A 191 -23.00 13.16 -53.15
C HIS A 191 -21.99 14.29 -53.04
N HIS A 192 -20.71 13.95 -52.94
CA HIS A 192 -19.63 14.94 -52.83
C HIS A 192 -18.49 14.63 -53.78
N PRO A 193 -18.31 15.46 -54.80
CA PRO A 193 -17.24 15.20 -55.76
C PRO A 193 -15.86 15.41 -55.15
N ILE A 194 -14.94 14.48 -55.42
CA ILE A 194 -13.60 14.57 -54.88
C ILE A 194 -12.63 15.19 -55.89
N SER A 195 -12.68 14.68 -57.13
CA SER A 195 -11.83 15.18 -58.22
C SER A 195 -12.59 15.13 -59.54
N ASP A 196 -11.87 15.25 -60.66
CA ASP A 196 -12.50 15.21 -61.97
C ASP A 196 -12.96 13.80 -62.40
N HIS A 197 -12.51 12.76 -61.69
CA HIS A 197 -12.91 11.40 -62.04
C HIS A 197 -13.46 10.58 -60.87
N GLU A 198 -13.45 11.14 -59.67
CA GLU A 198 -13.97 10.44 -58.50
C GLU A 198 -14.88 11.30 -57.63
N ALA A 199 -15.78 10.62 -56.91
CA ALA A 199 -16.73 11.29 -56.03
C ALA A 199 -17.02 10.44 -54.77
N THR A 200 -17.55 11.10 -53.73
CA THR A 200 -17.87 10.45 -52.46
C THR A 200 -19.35 10.25 -52.24
N LEU A 201 -19.72 9.07 -51.73
CA LEU A 201 -21.12 8.76 -51.40
C LEU A 201 -21.30 8.55 -49.90
N ARG A 202 -22.01 9.47 -49.28
CA ARG A 202 -22.28 9.44 -47.87
C ARG A 202 -23.58 8.69 -47.66
N CYS A 203 -23.64 7.87 -46.62
CA CYS A 203 -24.86 7.13 -46.34
C CYS A 203 -25.21 7.49 -44.90
N TRP A 204 -26.38 8.07 -44.70
CA TRP A 204 -26.81 8.52 -43.37
C TRP A 204 -27.97 7.77 -42.71
N ALA A 205 -27.88 7.65 -41.39
CA ALA A 205 -28.95 7.05 -40.57
C ALA A 205 -29.15 7.99 -39.36
N LEU A 206 -30.37 8.50 -39.18
CA LEU A 206 -30.65 9.47 -38.07
C LEU A 206 -31.86 9.13 -37.17
N GLY A 207 -31.85 9.73 -35.97
CA GLY A 207 -32.93 9.55 -35.00
C GLY A 207 -33.29 8.12 -34.65
N PHE A 208 -32.29 7.24 -34.56
CA PHE A 208 -32.55 5.84 -34.24
C PHE A 208 -32.21 5.48 -32.79
N TYR A 209 -32.95 4.50 -32.26
CA TYR A 209 -32.77 3.97 -30.91
C TYR A 209 -33.29 2.55 -30.93
N PRO A 210 -32.55 1.61 -30.35
CA PRO A 210 -31.26 1.75 -29.67
C PRO A 210 -30.14 2.25 -30.58
N ALA A 211 -28.93 2.39 -30.03
CA ALA A 211 -27.76 2.89 -30.80
C ALA A 211 -27.08 1.84 -31.69
N GLU A 212 -27.34 0.55 -31.45
CA GLU A 212 -26.76 -0.52 -32.26
C GLU A 212 -27.33 -0.38 -33.66
N ILE A 213 -26.47 -0.47 -34.67
CA ILE A 213 -26.90 -0.30 -36.06
C ILE A 213 -25.78 -0.71 -36.99
N THR A 214 -26.09 -1.02 -38.24
CA THR A 214 -25.05 -1.45 -39.21
C THR A 214 -25.22 -0.95 -40.65
N LEU A 215 -24.30 -0.09 -41.09
CA LEU A 215 -24.27 0.48 -42.45
C LEU A 215 -23.27 -0.30 -43.28
N THR A 216 -23.66 -0.72 -44.47
CA THR A 216 -22.73 -1.49 -45.29
C THR A 216 -22.75 -1.08 -46.75
N TRP A 217 -21.58 -0.74 -47.26
CA TRP A 217 -21.46 -0.38 -48.67
C TRP A 217 -21.22 -1.62 -49.47
N GLN A 218 -21.83 -1.66 -50.63
CA GLN A 218 -21.76 -2.81 -51.45
C GLN A 218 -21.78 -2.40 -52.92
N ARG A 219 -21.01 -3.11 -53.73
CA ARG A 219 -20.90 -2.82 -55.16
C ARG A 219 -21.17 -4.08 -55.96
N ASP A 220 -22.32 -4.13 -56.61
CA ASP A 220 -22.69 -5.26 -57.42
C ASP A 220 -22.82 -6.52 -56.55
N GLY A 221 -23.18 -6.34 -55.29
CA GLY A 221 -23.36 -7.49 -54.41
C GLY A 221 -22.21 -7.81 -53.48
N GLU A 222 -21.05 -7.18 -53.70
CA GLU A 222 -19.88 -7.45 -52.85
C GLU A 222 -19.59 -6.27 -51.91
N ASP A 223 -19.28 -6.60 -50.67
CA ASP A 223 -19.03 -5.59 -49.65
C ASP A 223 -17.71 -4.86 -49.80
N GLN A 224 -17.77 -3.53 -49.73
CA GLN A 224 -16.60 -2.67 -49.81
C GLN A 224 -15.95 -2.64 -48.44
N THR A 225 -15.53 -3.82 -48.01
CA THR A 225 -14.91 -4.03 -46.73
C THR A 225 -13.96 -2.93 -46.28
N GLN A 226 -12.76 -2.90 -46.86
CA GLN A 226 -11.73 -1.91 -46.44
C GLN A 226 -11.59 -0.67 -47.32
N ASP A 227 -12.65 -0.34 -48.06
CA ASP A 227 -12.66 0.82 -48.95
C ASP A 227 -13.74 1.79 -48.50
N THR A 228 -14.21 1.61 -47.27
CA THR A 228 -15.31 2.38 -46.77
C THR A 228 -15.00 3.17 -45.48
N GLU A 229 -15.20 4.49 -45.57
CA GLU A 229 -15.03 5.42 -44.44
C GLU A 229 -16.24 5.21 -43.50
N LEU A 230 -16.03 5.30 -42.19
CA LEU A 230 -17.14 5.08 -41.23
C LEU A 230 -16.90 5.89 -39.96
N VAL A 231 -17.94 6.46 -39.37
CA VAL A 231 -17.74 7.24 -38.10
C VAL A 231 -18.35 6.55 -36.89
N GLU A 232 -17.99 7.04 -35.68
CA GLU A 232 -18.58 6.48 -34.48
C GLU A 232 -20.02 6.89 -34.46
N THR A 233 -20.84 6.11 -33.78
CA THR A 233 -22.23 6.41 -33.64
C THR A 233 -22.32 7.49 -32.59
N ARG A 234 -22.88 8.62 -32.95
CA ARG A 234 -22.96 9.72 -32.03
C ARG A 234 -24.39 10.01 -31.53
N PRO A 235 -24.49 10.51 -30.32
CA PRO A 235 -25.78 10.84 -29.79
C PRO A 235 -26.30 12.15 -30.38
N ALA A 236 -27.55 12.16 -30.80
CA ALA A 236 -28.15 13.37 -31.35
C ALA A 236 -28.42 14.42 -30.23
N GLY A 237 -28.40 13.97 -28.96
CA GLY A 237 -28.61 14.85 -27.80
C GLY A 237 -30.02 14.81 -27.22
N ASP A 238 -30.91 14.05 -27.86
CA ASP A 238 -32.30 13.97 -27.44
C ASP A 238 -32.72 12.53 -27.17
N GLY A 239 -31.77 11.63 -27.08
CA GLY A 239 -32.09 10.23 -26.81
C GLY A 239 -31.92 9.34 -28.02
N THR A 240 -31.92 9.94 -29.21
CA THR A 240 -31.74 9.17 -30.43
C THR A 240 -30.28 9.26 -30.86
N PHE A 241 -29.90 8.48 -31.87
CA PHE A 241 -28.51 8.46 -32.33
C PHE A 241 -28.40 8.65 -33.83
N GLN A 242 -27.18 8.99 -34.29
CA GLN A 242 -26.90 9.25 -35.70
C GLN A 242 -25.65 8.52 -36.13
N LYS A 243 -25.51 8.28 -37.43
CA LYS A 243 -24.29 7.62 -37.95
C LYS A 243 -24.20 7.70 -39.48
N TRP A 244 -22.97 7.76 -40.03
CA TRP A 244 -22.80 7.77 -41.50
C TRP A 244 -21.62 6.93 -41.98
N ALA A 245 -21.71 6.45 -43.23
CA ALA A 245 -20.65 5.65 -43.86
C ALA A 245 -20.44 6.16 -45.27
N ALA A 246 -19.19 6.14 -45.76
CA ALA A 246 -18.91 6.68 -47.12
C ALA A 246 -17.91 5.88 -47.99
N VAL A 247 -17.99 6.10 -49.30
CA VAL A 247 -17.11 5.46 -50.26
C VAL A 247 -16.80 6.37 -51.42
N VAL A 248 -15.59 6.24 -51.96
CA VAL A 248 -15.19 7.00 -53.12
C VAL A 248 -15.65 6.19 -54.33
N VAL A 249 -16.52 6.79 -55.12
CA VAL A 249 -17.04 6.13 -56.27
C VAL A 249 -16.54 6.74 -57.55
N PRO A 250 -15.94 5.91 -58.42
CA PRO A 250 -15.53 6.45 -59.70
C PRO A 250 -16.75 7.11 -60.34
N SER A 251 -16.79 8.44 -60.26
CA SER A 251 -17.90 9.21 -60.80
C SER A 251 -18.40 8.61 -62.12
N GLY A 252 -19.73 8.51 -62.21
CA GLY A 252 -20.41 7.93 -63.35
C GLY A 252 -21.04 6.60 -62.97
N GLU A 253 -20.39 5.88 -62.04
CA GLU A 253 -20.86 4.55 -61.59
C GLU A 253 -21.57 4.54 -60.21
N GLU A 254 -22.22 5.66 -59.87
CA GLU A 254 -22.94 5.79 -58.59
C GLU A 254 -24.03 4.76 -58.39
N GLN A 255 -24.74 4.41 -59.45
CA GLN A 255 -25.86 3.47 -59.32
C GLN A 255 -25.40 2.05 -58.99
N ARG A 256 -24.14 1.71 -59.27
CA ARG A 256 -23.62 0.36 -58.97
C ARG A 256 -23.49 0.10 -57.47
N TYR A 257 -23.31 1.16 -56.70
CA TYR A 257 -23.14 1.04 -55.26
C TYR A 257 -24.49 1.06 -54.57
N THR A 258 -24.56 0.36 -53.44
CA THR A 258 -25.78 0.27 -52.63
C THR A 258 -25.39 0.33 -51.17
N CYS A 259 -26.30 0.87 -50.37
CA CYS A 259 -26.07 1.02 -48.97
C CYS A 259 -27.09 0.17 -48.24
N HIS A 260 -26.63 -0.65 -47.31
CA HIS A 260 -27.50 -1.55 -46.58
C HIS A 260 -27.55 -1.18 -45.11
N VAL A 261 -28.76 -1.13 -44.58
CA VAL A 261 -28.94 -0.73 -43.20
C VAL A 261 -29.68 -1.79 -42.40
N GLN A 262 -29.11 -2.16 -41.27
CA GLN A 262 -29.69 -3.14 -40.36
C GLN A 262 -29.93 -2.42 -39.04
N HIS A 263 -31.11 -2.62 -38.46
CA HIS A 263 -31.44 -2.00 -37.18
C HIS A 263 -32.66 -2.67 -36.60
N GLU A 264 -32.76 -2.67 -35.26
CA GLU A 264 -33.87 -3.32 -34.56
C GLU A 264 -35.27 -2.76 -34.90
N GLY A 265 -35.35 -1.49 -35.28
CA GLY A 265 -36.62 -0.82 -35.62
C GLY A 265 -37.16 -1.14 -37.00
N LEU A 266 -36.29 -1.62 -37.87
CA LEU A 266 -36.69 -1.97 -39.23
C LEU A 266 -37.24 -3.38 -39.30
N PRO A 267 -38.42 -3.57 -39.87
CA PRO A 267 -38.89 -4.92 -39.95
C PRO A 267 -38.08 -5.71 -40.97
N LYS A 268 -37.12 -5.06 -41.60
CA LYS A 268 -36.30 -5.72 -42.61
C LYS A 268 -35.19 -4.76 -43.04
N PRO A 269 -33.99 -5.28 -43.31
CA PRO A 269 -32.88 -4.43 -43.73
C PRO A 269 -33.17 -3.60 -44.99
N LEU A 270 -32.60 -2.42 -45.07
CA LEU A 270 -32.85 -1.55 -46.22
C LEU A 270 -31.75 -1.63 -47.24
N THR A 271 -32.06 -1.14 -48.44
CA THR A 271 -31.12 -1.07 -49.54
C THR A 271 -31.32 0.29 -50.19
N LEU A 272 -30.28 1.10 -50.20
CA LEU A 272 -30.40 2.42 -50.73
C LEU A 272 -29.46 2.66 -51.91
N ARG A 273 -30.01 3.23 -52.98
CA ARG A 273 -29.21 3.59 -54.13
C ARG A 273 -29.34 5.06 -54.32
N TRP A 274 -28.31 5.65 -54.93
CA TRP A 274 -28.29 7.07 -55.20
C TRP A 274 -29.24 7.37 -56.35
N GLU A 275 -30.55 7.39 -56.04
CA GLU A 275 -31.61 7.71 -57.03
C GLU A 275 -33.00 7.90 -56.34
N PRO A 276 -34.01 8.38 -57.12
CA PRO A 276 -35.37 8.58 -56.59
C PRO A 276 -36.05 7.25 -56.20
N GLY A 277 -36.41 7.14 -54.92
CA GLY A 277 -37.02 5.95 -54.37
C GLY A 277 -35.92 5.14 -53.73
N SER A 278 -35.25 5.73 -52.73
CA SER A 278 -34.15 5.07 -52.03
C SER A 278 -33.32 6.00 -51.10
N GLY A 279 -33.45 7.32 -51.22
CA GLY A 279 -32.69 8.27 -50.38
C GLY A 279 -32.20 9.54 -51.10
N GLY A 280 -33.02 10.09 -51.98
CA GLY A 280 -32.65 11.28 -52.74
C GLY A 280 -33.45 11.48 -54.02
N GLY A 281 -34.74 11.81 -53.86
CA GLY A 281 -35.64 12.04 -55.01
C GLY A 281 -36.70 13.09 -54.70
N LEU A 282 -36.29 14.11 -53.95
CA LEU A 282 -37.15 15.24 -53.57
C LEU A 282 -36.75 16.51 -54.38
N ASN A 283 -36.06 16.31 -55.51
CA ASN A 283 -35.63 17.42 -56.36
C ASN A 283 -36.38 17.49 -57.69
N ASP A 284 -37.51 16.79 -57.80
CA ASP A 284 -38.32 16.81 -59.02
C ASP A 284 -39.61 17.55 -58.71
N ILE A 285 -39.53 18.72 -58.09
CA ILE A 285 -40.76 19.43 -57.69
C ILE A 285 -40.83 20.98 -57.88
N PHE A 286 -40.73 21.73 -56.78
CA PHE A 286 -40.84 23.20 -56.77
C PHE A 286 -39.48 23.86 -56.79
N MET B 1 2.44 5.57 -18.48
CA MET B 1 0.99 5.67 -18.19
C MET B 1 0.29 5.83 -19.54
N ILE B 2 -0.94 5.32 -19.65
CA ILE B 2 -1.64 5.36 -20.94
C ILE B 2 -2.48 6.64 -21.15
N GLN B 3 -2.34 7.21 -22.35
CA GLN B 3 -3.09 8.42 -22.74
C GLN B 3 -3.62 8.28 -24.16
N ARG B 4 -4.86 8.72 -24.38
CA ARG B 4 -5.51 8.67 -25.70
C ARG B 4 -6.07 10.03 -26.06
N THR B 5 -5.74 10.56 -27.23
CA THR B 5 -6.28 11.86 -27.65
C THR B 5 -7.72 11.71 -28.01
N PRO B 6 -8.49 12.78 -27.87
CA PRO B 6 -9.90 12.70 -28.22
C PRO B 6 -10.21 12.63 -29.70
N LYS B 7 -11.40 12.11 -29.99
CA LYS B 7 -11.93 12.04 -31.34
C LYS B 7 -13.04 13.08 -31.29
N ILE B 8 -13.11 13.96 -32.28
CA ILE B 8 -14.13 15.01 -32.27
C ILE B 8 -15.10 14.99 -33.44
N GLN B 9 -16.39 15.14 -33.16
CA GLN B 9 -17.41 15.23 -34.20
C GLN B 9 -18.29 16.43 -33.85
N VAL B 10 -18.33 17.43 -34.72
CA VAL B 10 -19.15 18.64 -34.49
C VAL B 10 -20.26 18.64 -35.53
N TYR B 11 -21.50 18.61 -35.06
CA TYR B 11 -22.67 18.51 -35.92
C TYR B 11 -23.95 19.06 -35.29
N SER B 12 -24.96 19.28 -36.12
CA SER B 12 -26.25 19.78 -35.65
C SER B 12 -27.17 18.62 -35.30
N ARG B 13 -28.01 18.82 -34.29
CA ARG B 13 -28.92 17.78 -33.88
C ARG B 13 -29.83 17.36 -35.02
N HIS B 14 -30.52 18.33 -35.62
CA HIS B 14 -31.41 18.09 -36.75
C HIS B 14 -30.81 18.68 -38.02
N PRO B 15 -31.19 18.15 -39.19
CA PRO B 15 -30.69 18.71 -40.44
C PRO B 15 -30.86 20.23 -40.43
N ALA B 16 -29.75 20.95 -40.39
CA ALA B 16 -29.76 22.40 -40.32
C ALA B 16 -30.49 23.05 -41.47
N GLU B 17 -31.14 24.16 -41.16
CA GLU B 17 -31.84 24.97 -42.16
C GLU B 17 -31.90 26.38 -41.60
N ASN B 18 -31.37 27.33 -42.36
CA ASN B 18 -31.31 28.72 -41.93
C ASN B 18 -32.63 29.28 -41.39
N GLY B 19 -32.54 30.03 -40.31
CA GLY B 19 -33.71 30.64 -39.70
C GLY B 19 -34.55 29.72 -38.84
N LYS B 20 -33.94 28.67 -38.30
CA LYS B 20 -34.66 27.72 -37.45
C LYS B 20 -33.82 27.30 -36.23
N SER B 21 -34.46 27.26 -35.06
CA SER B 21 -33.79 26.85 -33.85
C SER B 21 -33.34 25.41 -34.02
N ASN B 22 -32.18 25.10 -33.48
CA ASN B 22 -31.66 23.76 -33.56
C ASN B 22 -30.62 23.61 -32.46
N PHE B 23 -29.86 22.53 -32.49
CA PHE B 23 -28.83 22.31 -31.48
C PHE B 23 -27.48 22.02 -32.09
N LEU B 24 -26.46 22.71 -31.58
CA LEU B 24 -25.11 22.51 -32.04
C LEU B 24 -24.44 21.58 -31.06
N ASN B 25 -23.94 20.46 -31.58
CA ASN B 25 -23.27 19.46 -30.76
C ASN B 25 -21.79 19.35 -31.07
N CYS B 26 -21.05 18.85 -30.08
CA CYS B 26 -19.64 18.55 -30.22
C CYS B 26 -19.43 17.34 -29.36
N TYR B 27 -19.10 16.24 -29.98
CA TYR B 27 -18.94 15.01 -29.30
C TYR B 27 -17.48 14.58 -29.34
N VAL B 28 -16.93 14.43 -28.15
CA VAL B 28 -15.55 14.02 -27.96
C VAL B 28 -15.60 12.62 -27.38
N SER B 29 -14.73 11.75 -27.83
CA SER B 29 -14.75 10.37 -27.33
C SER B 29 -13.38 9.72 -27.41
N GLY B 30 -13.27 8.51 -26.88
CA GLY B 30 -12.00 7.78 -26.90
C GLY B 30 -10.83 8.50 -26.23
N PHE B 31 -11.10 9.35 -25.24
CA PHE B 31 -10.00 10.05 -24.60
C PHE B 31 -9.75 9.60 -23.18
N HIS B 32 -8.51 9.81 -22.74
CA HIS B 32 -8.04 9.47 -21.41
C HIS B 32 -6.75 10.23 -21.19
N PRO B 33 -6.60 10.94 -20.06
CA PRO B 33 -7.45 11.15 -18.89
C PRO B 33 -8.76 11.82 -19.22
N SER B 34 -9.56 12.04 -18.18
CA SER B 34 -10.88 12.63 -18.31
C SER B 34 -10.95 14.13 -18.44
N ASP B 35 -10.08 14.89 -17.77
CA ASP B 35 -10.17 16.36 -17.90
C ASP B 35 -9.86 16.77 -19.33
N ILE B 36 -10.70 17.66 -19.84
CA ILE B 36 -10.61 18.09 -21.18
C ILE B 36 -11.34 19.41 -21.33
N GLU B 37 -10.76 20.37 -22.05
CA GLU B 37 -11.40 21.65 -22.30
C GLU B 37 -12.14 21.59 -23.62
N VAL B 38 -13.38 22.01 -23.62
CA VAL B 38 -14.16 22.04 -24.84
C VAL B 38 -14.99 23.32 -24.91
N ASP B 39 -14.89 24.04 -26.02
CA ASP B 39 -15.65 25.27 -26.19
C ASP B 39 -16.24 25.31 -27.57
N LEU B 40 -17.48 25.73 -27.65
CA LEU B 40 -18.11 25.89 -28.94
C LEU B 40 -17.86 27.37 -29.31
N LEU B 41 -17.59 27.61 -30.58
CA LEU B 41 -17.28 28.95 -31.04
C LEU B 41 -18.21 29.42 -32.16
N LYS B 42 -18.64 30.68 -32.07
CA LYS B 42 -19.49 31.29 -33.07
C LYS B 42 -18.67 32.40 -33.70
N ASN B 43 -18.28 32.20 -34.95
CA ASN B 43 -17.48 33.17 -35.67
C ASN B 43 -16.16 33.47 -34.95
N GLY B 44 -15.59 32.45 -34.33
CA GLY B 44 -14.32 32.58 -33.62
C GLY B 44 -14.39 32.85 -32.13
N GLU B 45 -15.44 33.54 -31.67
CA GLU B 45 -15.55 33.83 -30.24
C GLU B 45 -16.30 32.72 -29.49
N ARG B 46 -15.98 32.56 -28.21
CA ARG B 46 -16.56 31.47 -27.39
C ARG B 46 -18.03 31.68 -27.06
N ILE B 47 -18.83 30.65 -27.32
CA ILE B 47 -20.26 30.70 -26.99
C ILE B 47 -20.42 30.52 -25.46
N GLU B 48 -21.04 31.49 -24.81
CA GLU B 48 -21.20 31.45 -23.35
C GLU B 48 -21.95 30.23 -22.85
N LYS B 49 -23.16 30.41 -22.33
CA LYS B 49 -23.92 29.29 -21.75
C LYS B 49 -24.03 28.06 -22.66
N VAL B 50 -23.31 27.01 -22.24
CA VAL B 50 -23.26 25.72 -22.92
C VAL B 50 -23.48 24.63 -21.87
N GLU B 51 -23.89 23.44 -22.29
CA GLU B 51 -24.12 22.35 -21.36
C GLU B 51 -23.46 21.09 -21.87
N HIS B 52 -23.10 20.19 -20.96
CA HIS B 52 -22.46 18.93 -21.35
C HIS B 52 -23.10 17.76 -20.63
N SER B 53 -22.89 16.55 -21.16
CA SER B 53 -23.46 15.37 -20.57
C SER B 53 -22.62 14.96 -19.38
N ASP B 54 -23.16 14.07 -18.56
CA ASP B 54 -22.47 13.54 -17.39
C ASP B 54 -21.38 12.60 -17.84
N LEU B 55 -20.18 12.78 -17.31
CA LEU B 55 -19.01 11.95 -17.70
C LEU B 55 -19.34 10.44 -17.65
N SER B 56 -19.01 9.74 -18.73
CA SER B 56 -19.25 8.31 -18.83
C SER B 56 -18.11 7.66 -19.60
N PHE B 57 -18.20 6.35 -19.83
CA PHE B 57 -17.15 5.70 -20.58
C PHE B 57 -17.54 4.41 -21.29
N SER B 58 -16.74 4.08 -22.28
CA SER B 58 -16.95 2.94 -23.12
C SER B 58 -16.40 1.64 -22.53
N LYS B 59 -16.60 0.54 -23.24
CA LYS B 59 -16.13 -0.76 -22.78
C LYS B 59 -14.61 -0.75 -22.60
N ASP B 60 -13.92 -0.04 -23.48
CA ASP B 60 -12.45 0.03 -23.44
C ASP B 60 -11.92 1.04 -22.42
N TRP B 61 -12.78 1.44 -21.49
CA TRP B 61 -12.41 2.40 -20.42
C TRP B 61 -12.26 3.88 -20.81
N SER B 62 -12.26 4.19 -22.10
CA SER B 62 -12.09 5.59 -22.57
C SER B 62 -13.35 6.46 -22.33
N PHE B 63 -13.14 7.74 -22.07
CA PHE B 63 -14.26 8.63 -21.79
C PHE B 63 -14.86 9.25 -23.01
N TYR B 64 -16.15 9.61 -22.88
CA TYR B 64 -16.90 10.30 -23.94
C TYR B 64 -17.74 11.39 -23.27
N LEU B 65 -18.13 12.39 -24.03
CA LEU B 65 -18.81 13.50 -23.48
C LEU B 65 -19.41 14.35 -24.60
N LEU B 66 -20.67 14.75 -24.43
CA LEU B 66 -21.35 15.58 -25.44
C LEU B 66 -21.57 17.01 -24.94
N TYR B 67 -21.09 17.97 -25.71
CA TYR B 67 -21.28 19.37 -25.37
C TYR B 67 -22.26 19.96 -26.37
N TYR B 68 -23.24 20.73 -25.89
CA TYR B 68 -24.26 21.31 -26.77
C TYR B 68 -24.80 22.69 -26.35
N THR B 69 -25.44 23.35 -27.31
CA THR B 69 -26.04 24.65 -27.13
C THR B 69 -27.06 24.82 -28.24
N GLU B 70 -28.10 25.56 -27.95
CA GLU B 70 -29.12 25.84 -28.92
C GLU B 70 -28.60 26.95 -29.80
N PHE B 71 -29.07 27.02 -31.06
CA PHE B 71 -28.60 28.07 -31.96
C PHE B 71 -29.50 28.16 -33.19
N THR B 72 -29.24 29.17 -34.02
CA THR B 72 -29.98 29.36 -35.24
C THR B 72 -29.02 29.46 -36.42
N PRO B 73 -28.96 28.40 -37.25
CA PRO B 73 -28.06 28.43 -38.38
C PRO B 73 -28.46 29.53 -39.36
N THR B 74 -27.46 30.24 -39.85
CA THR B 74 -27.67 31.31 -40.82
C THR B 74 -26.72 31.10 -41.99
N GLU B 75 -27.07 31.66 -43.14
CA GLU B 75 -26.26 31.53 -44.33
C GLU B 75 -24.85 32.11 -44.17
N LYS B 76 -24.62 32.87 -43.11
CA LYS B 76 -23.33 33.52 -42.90
C LYS B 76 -22.48 32.98 -41.74
N ASP B 77 -23.06 32.94 -40.54
CA ASP B 77 -22.35 32.51 -39.34
C ASP B 77 -21.66 31.17 -39.48
N GLU B 78 -20.44 31.08 -38.94
CA GLU B 78 -19.67 29.82 -38.92
C GLU B 78 -19.53 29.37 -37.49
N TYR B 79 -19.86 28.12 -37.23
CA TYR B 79 -19.76 27.55 -35.89
C TYR B 79 -18.68 26.47 -35.83
N ALA B 80 -17.96 26.39 -34.71
CA ALA B 80 -16.88 25.36 -34.55
C ALA B 80 -16.72 24.86 -33.12
N CYS B 81 -15.89 23.82 -32.96
CA CYS B 81 -15.60 23.25 -31.64
C CYS B 81 -14.09 23.41 -31.33
N ARG B 82 -13.76 23.69 -30.07
CA ARG B 82 -12.35 23.85 -29.68
C ARG B 82 -12.09 22.94 -28.52
N VAL B 83 -11.19 22.00 -28.71
CA VAL B 83 -10.86 21.01 -27.70
C VAL B 83 -9.41 21.06 -27.27
N ASN B 84 -9.17 20.85 -25.99
CA ASN B 84 -7.82 20.85 -25.45
C ASN B 84 -7.72 19.73 -24.47
N HIS B 85 -6.61 19.01 -24.53
CA HIS B 85 -6.39 17.87 -23.70
C HIS B 85 -4.89 17.84 -23.51
N VAL B 86 -4.38 16.94 -22.67
CA VAL B 86 -2.94 16.91 -22.42
C VAL B 86 -2.18 16.28 -23.56
N THR B 87 -2.87 15.48 -24.36
CA THR B 87 -2.25 14.80 -25.47
C THR B 87 -2.03 15.72 -26.67
N LEU B 88 -2.54 16.95 -26.58
CA LEU B 88 -2.40 17.93 -27.63
C LEU B 88 -1.33 18.96 -27.29
N SER B 89 -0.78 19.59 -28.32
CA SER B 89 0.24 20.63 -28.15
C SER B 89 -0.40 21.99 -28.23
N GLN B 90 -1.44 22.06 -29.06
CA GLN B 90 -2.16 23.25 -29.36
C GLN B 90 -3.65 22.90 -29.25
N PRO B 91 -4.51 23.84 -28.80
CA PRO B 91 -5.94 23.44 -28.80
C PRO B 91 -6.40 23.14 -30.24
N LYS B 92 -7.15 22.05 -30.42
CA LYS B 92 -7.61 21.65 -31.74
C LYS B 92 -8.95 22.26 -32.05
N ILE B 93 -9.12 22.74 -33.28
CA ILE B 93 -10.38 23.36 -33.71
C ILE B 93 -10.99 22.62 -34.90
N VAL B 94 -12.22 22.15 -34.74
CA VAL B 94 -12.94 21.45 -35.79
C VAL B 94 -14.17 22.24 -36.19
N LYS B 95 -14.19 22.71 -37.45
CA LYS B 95 -15.28 23.50 -38.02
C LYS B 95 -16.58 22.71 -38.21
N TRP B 96 -17.71 23.40 -38.15
CA TRP B 96 -18.99 22.76 -38.37
C TRP B 96 -19.35 22.78 -39.84
N ASP B 97 -19.41 21.60 -40.43
CA ASP B 97 -19.77 21.44 -41.83
C ASP B 97 -21.10 20.66 -41.88
N ARG B 98 -22.17 21.36 -42.25
CA ARG B 98 -23.50 20.74 -42.32
C ARG B 98 -23.65 19.65 -43.39
N ASP B 99 -22.61 19.45 -44.21
CA ASP B 99 -22.65 18.46 -45.30
C ASP B 99 -21.96 17.10 -45.01
N MET B 100 -20.64 17.13 -44.73
CA MET B 100 -19.85 15.91 -44.44
C MET B 100 -19.85 15.61 -42.94
N VAL C 1 -31.13 0.02 -9.39
CA VAL C 1 -30.69 -0.21 -7.98
C VAL C 1 -29.18 -0.37 -7.94
N TYR C 2 -28.54 0.56 -7.26
CA TYR C 2 -27.10 0.58 -7.14
C TYR C 2 -26.69 -0.52 -6.20
N GLY C 3 -25.45 -0.97 -6.32
CA GLY C 3 -24.95 -2.05 -5.47
C GLY C 3 -24.17 -1.63 -4.23
N PHE C 4 -23.59 -2.63 -3.58
CA PHE C 4 -22.83 -2.41 -2.38
C PHE C 4 -21.35 -2.59 -2.69
N VAL C 5 -20.70 -1.47 -2.99
CA VAL C 5 -19.29 -1.45 -3.30
C VAL C 5 -18.50 -1.00 -2.06
N ARG C 6 -17.99 -1.96 -1.31
CA ARG C 6 -17.26 -1.64 -0.08
C ARG C 6 -15.99 -2.45 0.13
N ALA C 7 -15.35 -2.89 -0.94
CA ALA C 7 -14.14 -3.67 -0.82
C ALA C 7 -12.90 -2.85 -1.12
N CYS C 8 -11.83 -3.07 -0.33
CA CYS C 8 -10.56 -2.37 -0.51
C CYS C 8 -9.61 -3.12 -1.42
N LEU C 9 -8.83 -2.39 -2.19
CA LEU C 9 -7.86 -3.01 -3.09
C LEU C 9 -6.75 -3.70 -2.30
N GLY D 1 40.88 -11.98 16.38
CA GLY D 1 39.83 -11.14 17.04
C GLY D 1 39.06 -10.31 16.04
N SER D 2 37.85 -10.78 15.71
CA SER D 2 36.99 -10.10 14.75
C SER D 2 36.28 -8.97 15.43
N HIS D 3 35.53 -8.20 14.66
CA HIS D 3 34.76 -7.08 15.21
C HIS D 3 33.51 -6.93 14.41
N SER D 4 32.55 -6.17 14.96
CA SER D 4 31.28 -5.92 14.30
C SER D 4 30.70 -4.57 14.66
N MET D 5 29.89 -4.02 13.76
CA MET D 5 29.21 -2.76 13.99
C MET D 5 27.79 -2.99 13.53
N ARG D 6 26.83 -2.58 14.35
CA ARG D 6 25.42 -2.75 14.03
C ARG D 6 24.60 -1.57 14.47
N TYR D 7 23.59 -1.23 13.68
CA TYR D 7 22.66 -0.17 14.04
C TYR D 7 21.31 -0.86 14.13
N PHE D 8 20.59 -0.63 15.23
CA PHE D 8 19.27 -1.25 15.42
C PHE D 8 18.21 -0.17 15.51
N SER D 9 17.15 -0.31 14.71
CA SER D 9 16.07 0.68 14.75
C SER D 9 14.73 0.02 15.04
N THR D 10 13.90 0.75 15.79
CA THR D 10 12.59 0.29 16.16
C THR D 10 11.59 1.39 15.97
N SER D 11 10.53 1.08 15.24
CA SER D 11 9.48 2.04 14.95
C SER D 11 8.15 1.43 15.40
N VAL D 12 7.43 2.12 16.29
CA VAL D 12 6.14 1.60 16.78
C VAL D 12 5.00 2.62 16.60
N SER D 13 3.88 2.14 16.08
CA SER D 13 2.74 3.00 15.83
C SER D 13 1.93 3.22 17.09
N ARG D 14 1.29 4.38 17.17
CA ARG D 14 0.46 4.75 18.30
C ARG D 14 -0.90 5.21 17.78
N PRO D 15 -1.78 4.24 17.42
CA PRO D 15 -3.09 4.59 16.89
C PRO D 15 -3.75 5.72 17.68
N GLY D 16 -4.17 6.77 16.96
CA GLY D 16 -4.81 7.92 17.60
C GLY D 16 -3.94 8.63 18.63
N ARG D 17 -2.64 8.70 18.37
CA ARG D 17 -1.69 9.37 19.27
C ARG D 17 -0.45 9.89 18.53
N GLY D 18 -0.68 10.53 17.39
CA GLY D 18 0.41 11.12 16.61
C GLY D 18 1.35 10.12 15.95
N GLU D 19 2.43 10.65 15.39
CA GLU D 19 3.43 9.85 14.69
C GLU D 19 4.01 8.73 15.57
N PRO D 20 4.40 7.61 14.95
CA PRO D 20 4.97 6.53 15.71
C PRO D 20 6.30 6.95 16.31
N ARG D 21 6.78 6.15 17.26
CA ARG D 21 8.02 6.40 17.95
C ARG D 21 9.17 5.61 17.33
N PHE D 22 10.24 6.32 17.00
CA PHE D 22 11.41 5.74 16.39
C PHE D 22 12.57 5.79 17.38
N ILE D 23 13.30 4.68 17.49
CA ILE D 23 14.44 4.56 18.40
C ILE D 23 15.54 3.82 17.73
N ALA D 24 16.63 4.50 17.48
CA ALA D 24 17.74 3.85 16.83
C ALA D 24 18.90 3.86 17.78
N VAL D 25 19.65 2.76 17.81
CA VAL D 25 20.79 2.66 18.68
C VAL D 25 21.94 2.02 17.94
N GLY D 26 23.14 2.55 18.15
CA GLY D 26 24.34 2.04 17.47
C GLY D 26 25.30 1.34 18.40
N TYR D 27 25.74 0.14 18.00
CA TYR D 27 26.69 -0.65 18.78
C TYR D 27 27.96 -0.92 18.00
N VAL D 28 29.04 -1.16 18.75
CA VAL D 28 30.35 -1.54 18.21
C VAL D 28 30.69 -2.70 19.13
N ASP D 29 30.57 -3.92 18.62
CA ASP D 29 30.75 -5.13 19.42
C ASP D 29 29.69 -5.07 20.49
N ASP D 30 30.05 -5.27 21.74
CA ASP D 30 29.08 -5.22 22.84
C ASP D 30 29.07 -3.85 23.53
N THR D 31 29.28 -2.77 22.77
CA THR D 31 29.35 -1.42 23.35
C THR D 31 28.53 -0.36 22.57
N GLN D 32 27.51 0.20 23.22
CA GLN D 32 26.67 1.23 22.61
C GLN D 32 27.39 2.58 22.60
N PHE D 33 27.39 3.26 21.45
CA PHE D 33 28.07 4.56 21.29
C PHE D 33 27.16 5.72 20.87
N VAL D 34 26.01 5.41 20.26
CA VAL D 34 25.08 6.47 19.84
C VAL D 34 23.62 6.08 19.96
N ARG D 35 22.73 7.04 19.74
CA ARG D 35 21.30 6.77 19.77
C ARG D 35 20.49 8.00 19.36
N PHE D 36 19.30 7.75 18.82
CA PHE D 36 18.40 8.79 18.38
C PHE D 36 17.02 8.39 18.87
N ASP D 37 16.20 9.38 19.18
CA ASP D 37 14.84 9.14 19.69
C ASP D 37 13.89 10.25 19.22
N SER D 38 13.00 9.90 18.29
CA SER D 38 12.05 10.85 17.72
C SER D 38 11.39 11.77 18.79
N ASP D 39 11.08 11.20 19.96
CA ASP D 39 10.44 11.95 21.05
C ASP D 39 11.39 12.84 21.86
N ALA D 40 12.56 12.33 22.21
CA ALA D 40 13.52 13.12 22.95
C ALA D 40 13.49 14.57 22.41
N ALA D 41 13.51 15.54 23.33
CA ALA D 41 13.43 16.97 22.96
C ALA D 41 14.59 17.55 22.13
N SER D 42 15.77 16.94 22.17
CA SER D 42 16.93 17.48 21.41
C SER D 42 16.72 17.29 19.93
N GLN D 43 16.19 16.12 19.55
CA GLN D 43 15.92 15.79 18.15
C GLN D 43 17.27 15.68 17.39
N ARG D 44 18.25 15.03 18.04
CA ARG D 44 19.59 14.86 17.44
C ARG D 44 20.27 13.54 17.83
N MET D 45 21.19 13.07 16.98
CA MET D 45 21.93 11.85 17.27
C MET D 45 22.78 12.18 18.47
N GLU D 46 22.76 11.34 19.49
CA GLU D 46 23.51 11.62 20.71
C GLU D 46 24.53 10.56 21.01
N PRO D 47 25.62 10.94 21.72
CA PRO D 47 26.68 10.02 22.09
C PRO D 47 26.39 9.26 23.36
N ARG D 48 26.82 8.01 23.43
CA ARG D 48 26.60 7.16 24.62
C ARG D 48 27.92 6.60 25.15
N ALA D 49 28.94 6.59 24.29
CA ALA D 49 30.27 6.14 24.67
C ALA D 49 31.19 7.37 24.67
N PRO D 50 32.10 7.45 25.63
CA PRO D 50 33.01 8.60 25.75
C PRO D 50 33.98 8.86 24.58
N TRP D 51 34.42 7.82 23.87
CA TRP D 51 35.36 8.02 22.75
C TRP D 51 34.76 8.63 21.48
N ILE D 52 33.44 8.66 21.38
CA ILE D 52 32.78 9.22 20.22
C ILE D 52 32.57 10.71 20.44
N GLU D 53 32.58 11.13 21.70
CA GLU D 53 32.36 12.54 22.06
C GLU D 53 33.34 13.50 21.37
N GLN D 54 34.48 12.97 20.95
CA GLN D 54 35.51 13.76 20.28
C GLN D 54 35.09 14.20 18.85
N GLU D 55 34.00 13.63 18.33
CA GLU D 55 33.52 13.97 17.00
C GLU D 55 33.06 15.43 16.90
N GLY D 56 33.28 16.03 15.73
CA GLY D 56 32.93 17.44 15.49
C GLY D 56 31.50 17.65 15.04
N PRO D 57 31.03 18.92 15.11
CA PRO D 57 29.64 19.30 14.75
C PRO D 57 29.21 18.78 13.40
N GLU D 58 30.16 18.55 12.51
CA GLU D 58 29.86 18.07 11.17
C GLU D 58 29.40 16.60 11.23
N TYR D 59 30.14 15.79 11.96
CA TYR D 59 29.79 14.38 12.12
C TYR D 59 28.40 14.22 12.72
N TRP D 60 28.10 15.04 13.73
CA TRP D 60 26.79 14.99 14.39
C TRP D 60 25.69 15.44 13.44
N ASP D 61 25.89 16.59 12.79
CA ASP D 61 24.89 17.10 11.83
C ASP D 61 24.62 16.06 10.75
N GLU D 62 25.68 15.39 10.29
CA GLU D 62 25.54 14.37 9.24
C GLU D 62 24.81 13.11 9.68
N GLU D 63 25.18 12.56 10.83
CA GLU D 63 24.52 11.36 11.32
C GLU D 63 23.07 11.70 11.67
N THR D 64 22.86 12.89 12.26
CA THR D 64 21.54 13.37 12.62
C THR D 64 20.61 13.32 11.40
N GLY D 65 21.08 13.86 10.28
CA GLY D 65 20.29 13.87 9.06
C GLY D 65 19.98 12.45 8.60
N LYS D 66 21.01 11.63 8.48
CA LYS D 66 20.82 10.27 8.04
C LYS D 66 19.80 9.53 8.89
N VAL D 67 19.88 9.69 10.20
CA VAL D 67 18.95 8.96 11.08
C VAL D 67 17.54 9.57 11.01
N LYS D 68 17.43 10.90 10.95
CA LYS D 68 16.10 11.49 10.79
C LYS D 68 15.44 10.86 9.55
N ALA D 69 16.20 10.76 8.48
CA ALA D 69 15.68 10.19 7.25
C ALA D 69 15.14 8.75 7.45
N HIS D 70 15.79 7.97 8.30
CA HIS D 70 15.34 6.61 8.54
C HIS D 70 13.95 6.65 9.18
N SER D 71 13.81 7.40 10.27
CA SER D 71 12.51 7.49 10.96
C SER D 71 11.42 7.82 9.96
N GLN D 72 11.63 8.89 9.17
CA GLN D 72 10.63 9.25 8.18
C GLN D 72 10.31 8.06 7.27
N THR D 73 11.33 7.38 6.74
CA THR D 73 11.06 6.23 5.85
C THR D 73 10.36 5.06 6.56
N ASP D 74 10.69 4.80 7.84
CA ASP D 74 10.01 3.71 8.57
C ASP D 74 8.60 4.16 8.99
N ARG D 75 8.41 5.46 9.08
CA ARG D 75 7.11 6.02 9.42
C ARG D 75 6.17 5.75 8.23
N GLU D 76 6.72 5.99 7.04
CA GLU D 76 6.05 5.80 5.77
C GLU D 76 5.79 4.29 5.58
N ASN D 77 6.85 3.49 5.74
CA ASN D 77 6.79 2.04 5.58
C ASN D 77 5.66 1.38 6.38
N LEU D 78 5.38 1.89 7.57
CA LEU D 78 4.27 1.35 8.38
C LEU D 78 2.93 1.59 7.69
N ARG D 79 2.76 2.77 7.07
CA ARG D 79 1.52 3.09 6.37
C ARG D 79 1.38 2.16 5.22
N ILE D 80 2.50 1.81 4.62
CA ILE D 80 2.51 0.88 3.51
C ILE D 80 2.11 -0.51 3.97
N ALA D 81 2.66 -0.94 5.10
CA ALA D 81 2.35 -2.25 5.66
C ALA D 81 0.86 -2.46 5.92
N LEU D 82 0.17 -1.45 6.42
CA LEU D 82 -1.26 -1.60 6.70
C LEU D 82 -1.97 -1.90 5.42
N ARG D 83 -1.82 -1.00 4.46
CA ARG D 83 -2.44 -1.11 3.15
C ARG D 83 -2.19 -2.52 2.58
N TYR D 84 -0.97 -3.01 2.72
CA TYR D 84 -0.59 -4.35 2.27
C TYR D 84 -1.45 -5.40 2.90
N TYR D 85 -1.32 -5.54 4.22
CA TYR D 85 -2.07 -6.53 4.97
C TYR D 85 -3.52 -6.12 5.26
N ASN D 86 -3.87 -4.90 4.87
CA ASN D 86 -5.22 -4.40 5.05
C ASN D 86 -5.60 -4.40 6.51
N GLN D 87 -4.65 -4.10 7.36
CA GLN D 87 -4.88 -4.07 8.79
C GLN D 87 -5.43 -2.69 9.17
N SER D 88 -6.36 -2.67 10.12
CA SER D 88 -6.96 -1.45 10.57
C SER D 88 -5.96 -0.65 11.36
N GLU D 89 -6.07 0.66 11.27
CA GLU D 89 -5.17 1.52 12.00
C GLU D 89 -5.66 1.66 13.46
N ALA D 90 -6.49 0.69 13.87
CA ALA D 90 -7.01 0.63 15.24
C ALA D 90 -6.01 -0.05 16.18
N GLY D 91 -5.11 -0.85 15.61
CA GLY D 91 -4.08 -1.58 16.40
C GLY D 91 -2.68 -0.99 16.27
N SER D 92 -1.83 -1.25 17.26
CA SER D 92 -0.43 -0.75 17.28
C SER D 92 0.48 -1.76 16.57
N HIS D 93 1.36 -1.28 15.68
CA HIS D 93 2.29 -2.19 14.93
C HIS D 93 3.75 -1.73 15.03
N THR D 94 4.65 -2.66 14.79
CA THR D 94 6.09 -2.42 14.91
C THR D 94 6.90 -2.85 13.71
N LEU D 95 7.96 -2.09 13.45
CA LEU D 95 8.84 -2.36 12.35
C LEU D 95 10.25 -2.26 12.88
N GLN D 96 11.03 -3.33 12.76
CA GLN D 96 12.40 -3.30 13.25
C GLN D 96 13.33 -3.50 12.07
N MET D 97 14.51 -2.90 12.16
CA MET D 97 15.52 -3.04 11.15
C MET D 97 16.87 -3.24 11.79
N MET D 98 17.80 -3.80 11.05
CA MET D 98 19.12 -4.09 11.53
C MET D 98 20.07 -4.13 10.34
N PHE D 99 20.99 -3.18 10.29
CA PHE D 99 21.99 -3.16 9.23
C PHE D 99 23.35 -3.02 9.89
N GLY D 100 24.38 -3.60 9.27
CA GLY D 100 25.72 -3.52 9.83
C GLY D 100 26.71 -4.41 9.10
N CYS D 101 27.92 -4.47 9.61
CA CYS D 101 28.98 -5.27 9.00
C CYS D 101 29.97 -5.80 9.99
N ASP D 102 30.79 -6.74 9.52
CA ASP D 102 31.81 -7.38 10.33
C ASP D 102 33.17 -7.30 9.63
N VAL D 103 34.23 -7.33 10.42
CA VAL D 103 35.61 -7.31 9.89
C VAL D 103 36.45 -8.36 10.61
N GLY D 104 37.58 -8.72 10.02
CA GLY D 104 38.47 -9.71 10.62
C GLY D 104 39.52 -9.01 11.47
N SER D 105 40.36 -9.77 12.14
CA SER D 105 41.42 -9.18 12.95
C SER D 105 42.26 -8.27 12.04
N ASP D 106 42.23 -8.57 10.73
CA ASP D 106 42.97 -7.82 9.72
C ASP D 106 42.45 -6.41 9.62
N GLY D 107 41.12 -6.31 9.61
CA GLY D 107 40.44 -5.03 9.46
C GLY D 107 39.61 -5.12 8.19
N ARG D 108 39.76 -6.24 7.49
CA ARG D 108 39.06 -6.51 6.22
C ARG D 108 37.58 -6.87 6.40
N PHE D 109 36.83 -6.86 5.29
CA PHE D 109 35.41 -7.17 5.30
C PHE D 109 35.15 -8.66 5.36
N LEU D 110 34.17 -9.04 6.18
CA LEU D 110 33.75 -10.45 6.35
C LEU D 110 32.27 -10.64 5.99
N ARG D 111 31.40 -9.82 6.57
CA ARG D 111 29.99 -9.94 6.27
C ARG D 111 29.18 -8.70 6.62
N GLY D 112 28.17 -8.41 5.80
CA GLY D 112 27.29 -7.27 5.97
C GLY D 112 25.86 -7.73 6.20
N TYR D 113 25.00 -6.81 6.65
CA TYR D 113 23.60 -7.13 6.93
C TYR D 113 22.69 -5.95 6.67
N HIS D 114 21.45 -6.25 6.29
CA HIS D 114 20.42 -5.25 6.06
C HIS D 114 19.14 -6.05 6.05
N GLN D 115 18.40 -5.95 7.16
CA GLN D 115 17.18 -6.73 7.34
C GLN D 115 16.04 -5.99 7.97
N TYR D 116 14.83 -6.35 7.57
CA TYR D 116 13.65 -5.78 8.15
C TYR D 116 12.79 -6.85 8.80
N ALA D 117 12.08 -6.45 9.85
CA ALA D 117 11.16 -7.35 10.54
C ALA D 117 9.87 -6.62 10.86
N TYR D 118 8.75 -7.30 10.67
CA TYR D 118 7.43 -6.71 10.90
C TYR D 118 6.62 -7.47 11.91
N ASP D 119 6.41 -6.85 13.08
CA ASP D 119 5.65 -7.46 14.18
C ASP D 119 6.34 -8.68 14.76
N GLY D 120 7.64 -8.55 15.03
CA GLY D 120 8.41 -9.63 15.63
C GLY D 120 8.74 -10.80 14.72
N LYS D 121 8.43 -10.68 13.43
CA LYS D 121 8.72 -11.75 12.46
C LYS D 121 9.46 -11.19 11.22
N ASP D 122 10.32 -12.03 10.65
CA ASP D 122 11.13 -11.65 9.49
C ASP D 122 10.29 -11.16 8.34
N TYR D 123 10.69 -10.04 7.73
CA TYR D 123 9.94 -9.51 6.59
C TYR D 123 10.73 -9.70 5.29
N ILE D 124 11.93 -9.12 5.25
CA ILE D 124 12.78 -9.19 4.07
C ILE D 124 14.19 -8.92 4.54
N ALA D 125 15.16 -9.64 3.98
CA ALA D 125 16.54 -9.44 4.39
C ALA D 125 17.52 -9.80 3.29
N LEU D 126 18.61 -9.05 3.26
CA LEU D 126 19.66 -9.23 2.29
C LEU D 126 20.38 -10.53 2.61
N LYS D 127 20.57 -11.38 1.58
CA LYS D 127 21.27 -12.64 1.77
C LYS D 127 22.77 -12.33 1.90
N GLU D 128 23.55 -13.33 2.30
CA GLU D 128 24.99 -13.13 2.48
C GLU D 128 25.72 -12.70 1.20
N ASP D 129 25.17 -12.99 0.01
CA ASP D 129 25.90 -12.57 -1.25
C ASP D 129 25.83 -11.04 -1.50
N LEU D 130 24.88 -10.37 -0.83
CA LEU D 130 24.66 -8.91 -0.95
C LEU D 130 24.21 -8.52 -2.36
N ARG D 131 23.59 -9.48 -3.05
CA ARG D 131 23.09 -9.30 -4.39
C ARG D 131 21.68 -9.83 -4.48
N SER D 132 21.15 -10.33 -3.38
CA SER D 132 19.85 -10.94 -3.39
C SER D 132 19.04 -10.66 -2.12
N TRP D 133 17.72 -10.82 -2.22
CA TRP D 133 16.81 -10.61 -1.11
C TRP D 133 16.03 -11.89 -0.79
N THR D 134 15.69 -12.04 0.49
CA THR D 134 14.89 -13.17 0.96
C THR D 134 13.62 -12.61 1.55
N ALA D 135 12.54 -12.69 0.78
CA ALA D 135 11.23 -12.20 1.21
C ALA D 135 10.56 -13.29 2.01
N ALA D 136 9.79 -12.88 3.00
CA ALA D 136 9.11 -13.82 3.88
C ALA D 136 7.74 -14.24 3.38
N ASP D 137 6.93 -13.28 2.92
CA ASP D 137 5.59 -13.59 2.46
C ASP D 137 5.23 -12.86 1.16
N MET D 138 3.98 -13.00 0.74
CA MET D 138 3.51 -12.40 -0.50
C MET D 138 3.67 -10.90 -0.52
N ALA D 139 3.46 -10.28 0.64
CA ALA D 139 3.62 -8.82 0.75
C ALA D 139 5.07 -8.44 0.46
N ALA D 140 5.99 -9.16 1.09
CA ALA D 140 7.43 -8.92 0.89
C ALA D 140 7.91 -9.27 -0.55
N GLN D 141 7.27 -10.26 -1.17
CA GLN D 141 7.59 -10.65 -2.53
C GLN D 141 7.49 -9.39 -3.39
N ILE D 142 6.52 -8.55 -3.05
CA ILE D 142 6.29 -7.29 -3.78
C ILE D 142 7.37 -6.28 -3.54
N THR D 143 7.73 -6.12 -2.27
CA THR D 143 8.76 -5.18 -1.91
C THR D 143 10.06 -5.58 -2.60
N LYS D 144 10.27 -6.91 -2.69
CA LYS D 144 11.46 -7.46 -3.32
C LYS D 144 11.55 -6.99 -4.75
N ARG D 145 10.46 -7.09 -5.46
CA ARG D 145 10.49 -6.69 -6.83
C ARG D 145 10.81 -5.20 -6.96
N LYS D 146 10.24 -4.37 -6.08
CA LYS D 146 10.53 -2.92 -6.13
C LYS D 146 12.03 -2.68 -5.88
N TRP D 147 12.58 -3.38 -4.89
CA TRP D 147 13.99 -3.23 -4.50
C TRP D 147 14.95 -3.79 -5.55
N GLU D 148 14.51 -4.82 -6.29
CA GLU D 148 15.33 -5.38 -7.35
C GLU D 148 15.40 -4.36 -8.48
N ALA D 149 14.26 -3.76 -8.78
CA ALA D 149 14.16 -2.77 -9.85
C ALA D 149 14.84 -1.45 -9.47
N ALA D 150 14.90 -1.16 -8.17
CA ALA D 150 15.52 0.07 -7.69
C ALA D 150 16.99 -0.14 -7.35
N HIS D 151 17.48 -1.37 -7.59
CA HIS D 151 18.87 -1.69 -7.31
C HIS D 151 19.28 -1.29 -5.88
N VAL D 152 18.47 -1.69 -4.91
CA VAL D 152 18.74 -1.40 -3.51
C VAL D 152 19.91 -2.24 -3.01
N ALA D 153 19.97 -3.49 -3.44
CA ALA D 153 21.06 -4.40 -3.03
C ALA D 153 22.40 -3.79 -3.38
N GLU D 154 22.51 -3.33 -4.62
CA GLU D 154 23.73 -2.71 -5.10
C GLU D 154 24.08 -1.52 -4.22
N GLN D 155 23.13 -0.61 -4.05
CA GLN D 155 23.36 0.55 -3.23
C GLN D 155 23.81 0.21 -1.82
N GLN D 156 23.20 -0.82 -1.23
CA GLN D 156 23.56 -1.21 0.15
C GLN D 156 24.91 -1.89 0.30
N ARG D 157 25.46 -2.38 -0.80
CA ARG D 157 26.75 -3.01 -0.75
C ARG D 157 27.83 -1.93 -0.76
N ALA D 158 27.57 -0.83 -1.46
CA ALA D 158 28.50 0.30 -1.50
C ALA D 158 28.78 0.74 -0.07
N TYR D 159 27.74 0.67 0.75
CA TYR D 159 27.81 1.02 2.15
C TYR D 159 28.53 -0.05 2.97
N LEU D 160 27.90 -1.21 3.08
CA LEU D 160 28.42 -2.33 3.85
C LEU D 160 29.89 -2.69 3.59
N GLU D 161 30.26 -2.74 2.31
CA GLU D 161 31.63 -3.11 1.96
C GLU D 161 32.63 -1.94 1.94
N GLY D 162 32.13 -0.72 2.11
CA GLY D 162 33.00 0.46 2.10
C GLY D 162 32.81 1.39 3.27
N THR D 163 31.81 2.26 3.19
CA THR D 163 31.53 3.26 4.22
C THR D 163 31.40 2.63 5.62
N CYS D 164 30.90 1.42 5.68
CA CYS D 164 30.69 0.72 6.93
C CYS D 164 32.02 0.32 7.58
N VAL D 165 32.82 -0.47 6.86
CA VAL D 165 34.11 -0.95 7.40
C VAL D 165 35.05 0.21 7.80
N ASP D 166 35.12 1.23 6.95
CA ASP D 166 35.96 2.41 7.20
C ASP D 166 35.55 3.07 8.50
N GLY D 167 34.26 3.22 8.69
CA GLY D 167 33.73 3.83 9.90
C GLY D 167 34.03 2.99 11.11
N LEU D 168 33.95 1.67 10.96
CA LEU D 168 34.23 0.77 12.07
C LEU D 168 35.69 0.87 12.46
N ARG D 169 36.59 0.74 11.47
CA ARG D 169 38.01 0.83 11.77
C ARG D 169 38.31 2.14 12.48
N ARG D 170 37.85 3.24 11.89
CA ARG D 170 38.02 4.54 12.49
C ARG D 170 37.69 4.42 13.97
N TYR D 171 36.50 3.89 14.28
CA TYR D 171 36.08 3.75 15.69
C TYR D 171 36.99 2.85 16.53
N LEU D 172 37.54 1.80 15.90
CA LEU D 172 38.44 0.88 16.62
C LEU D 172 39.75 1.53 17.07
N GLU D 173 40.25 2.46 16.27
CA GLU D 173 41.45 3.16 16.62
C GLU D 173 41.09 4.22 17.68
N ASN D 174 40.09 5.04 17.39
CA ASN D 174 39.65 6.11 18.29
C ASN D 174 39.20 5.67 19.68
N GLY D 175 38.66 4.46 19.79
CA GLY D 175 38.20 3.91 21.09
C GLY D 175 39.02 2.69 21.44
N LYS D 176 40.30 2.74 21.06
CA LYS D 176 41.30 1.67 21.26
C LYS D 176 41.31 1.04 22.67
N GLU D 177 41.25 1.88 23.71
CA GLU D 177 41.25 1.36 25.10
C GLU D 177 39.98 0.60 25.49
N THR D 178 38.82 1.15 25.15
CA THR D 178 37.54 0.53 25.48
C THR D 178 37.18 -0.63 24.56
N LEU D 179 37.25 -0.39 23.26
CA LEU D 179 36.86 -1.39 22.30
C LEU D 179 37.84 -2.55 22.20
N GLN D 180 39.13 -2.26 22.10
CA GLN D 180 40.12 -3.32 21.96
C GLN D 180 40.59 -3.89 23.30
N ARG D 181 39.84 -3.55 24.35
CA ARG D 181 40.05 -4.04 25.72
C ARG D 181 39.54 -5.45 25.81
N THR D 182 39.98 -6.19 26.82
CA THR D 182 39.51 -7.55 27.03
C THR D 182 39.68 -7.90 28.52
N ASP D 183 38.60 -7.74 29.28
CA ASP D 183 38.59 -7.99 30.74
C ASP D 183 38.28 -9.43 31.06
N PRO D 184 39.10 -10.05 31.92
CA PRO D 184 38.87 -11.43 32.33
C PRO D 184 37.79 -11.48 33.41
N PRO D 185 37.09 -12.64 33.54
CA PRO D 185 36.03 -12.73 34.56
C PRO D 185 36.52 -13.05 35.98
N LYS D 186 35.89 -12.42 36.95
CA LYS D 186 36.19 -12.63 38.36
C LYS D 186 35.22 -13.73 38.78
N THR D 187 35.75 -14.92 39.03
CA THR D 187 34.91 -16.07 39.38
C THR D 187 34.78 -16.35 40.89
N HIS D 188 33.99 -17.39 41.23
CA HIS D 188 33.75 -17.85 42.62
C HIS D 188 32.47 -18.69 42.68
N MET D 189 32.30 -19.48 43.74
CA MET D 189 31.11 -20.34 43.91
C MET D 189 30.31 -20.07 45.19
N THR D 190 29.03 -20.46 45.17
CA THR D 190 28.16 -20.34 46.34
C THR D 190 27.42 -21.64 46.54
N HIS D 191 27.18 -21.96 47.81
CA HIS D 191 26.52 -23.19 48.22
C HIS D 191 25.16 -22.87 48.82
N HIS D 192 24.13 -23.63 48.46
CA HIS D 192 22.80 -23.39 49.00
C HIS D 192 22.03 -24.71 49.11
N PRO D 193 21.88 -25.26 50.34
CA PRO D 193 21.10 -26.49 50.48
C PRO D 193 19.65 -26.31 50.06
N ILE D 194 19.04 -27.40 49.62
CA ILE D 194 17.65 -27.40 49.18
C ILE D 194 16.83 -28.29 50.10
N SER D 195 17.23 -29.57 50.16
CA SER D 195 16.56 -30.56 50.98
C SER D 195 17.49 -30.95 52.12
N ASP D 196 17.21 -32.09 52.74
CA ASP D 196 18.03 -32.58 53.84
C ASP D 196 19.21 -33.42 53.37
N HIS D 197 19.32 -33.61 52.05
CA HIS D 197 20.41 -34.40 51.46
C HIS D 197 20.87 -33.85 50.12
N GLU D 198 20.46 -32.62 49.78
CA GLU D 198 20.85 -31.99 48.51
C GLU D 198 21.09 -30.49 48.57
N ALA D 199 22.10 -30.05 47.84
CA ALA D 199 22.47 -28.66 47.78
C ALA D 199 22.68 -28.21 46.35
N THR D 200 22.67 -26.90 46.14
CA THR D 200 22.87 -26.31 44.83
C THR D 200 24.20 -25.61 44.79
N LEU D 201 25.07 -25.99 43.84
CA LEU D 201 26.34 -25.32 43.65
C LEU D 201 26.17 -24.34 42.55
N ARG D 202 26.70 -23.13 42.74
CA ARG D 202 26.60 -22.10 41.73
C ARG D 202 27.91 -21.41 41.44
N CYS D 203 28.23 -21.41 40.15
CA CYS D 203 29.44 -20.89 39.60
C CYS D 203 29.18 -19.51 39.02
N TRP D 204 29.89 -18.50 39.53
CA TRP D 204 29.73 -17.11 39.09
C TRP D 204 30.91 -16.54 38.28
N ALA D 205 30.60 -15.67 37.33
CA ALA D 205 31.60 -14.96 36.49
C ALA D 205 31.16 -13.52 36.49
N LEU D 206 32.03 -12.59 36.89
CA LEU D 206 31.62 -11.18 36.94
C LEU D 206 32.61 -10.18 36.33
N GLY D 207 32.06 -9.07 35.83
CA GLY D 207 32.82 -7.97 35.25
C GLY D 207 33.70 -8.33 34.08
N PHE D 208 33.18 -9.18 33.19
CA PHE D 208 33.94 -9.63 32.02
C PHE D 208 33.45 -8.98 30.74
N TYR D 209 34.38 -8.79 29.79
CA TYR D 209 34.10 -8.21 28.47
C TYR D 209 35.12 -8.83 27.54
N PRO D 210 34.72 -9.23 26.34
CA PRO D 210 33.38 -9.13 25.79
C PRO D 210 32.37 -10.07 26.46
N ALA D 211 31.11 -10.00 26.01
CA ALA D 211 30.00 -10.80 26.59
C ALA D 211 30.07 -12.32 26.31
N GLU D 212 30.78 -12.72 25.27
CA GLU D 212 30.89 -14.14 24.97
C GLU D 212 31.61 -14.85 26.12
N ILE D 213 31.04 -15.97 26.57
CA ILE D 213 31.61 -16.76 27.67
C ILE D 213 30.95 -18.12 27.75
N THR D 214 31.67 -19.12 28.25
CA THR D 214 31.09 -20.45 28.43
C THR D 214 31.33 -20.97 29.85
N LEU D 215 30.26 -21.44 30.51
CA LEU D 215 30.34 -22.04 31.87
C LEU D 215 29.79 -23.41 31.76
N THR D 216 30.49 -24.38 32.32
CA THR D 216 30.06 -25.75 32.21
C THR D 216 30.46 -26.61 33.43
N TRP D 217 29.53 -27.43 33.90
CA TRP D 217 29.79 -28.31 35.02
C TRP D 217 30.23 -29.72 34.64
N GLN D 218 31.18 -30.24 35.39
CA GLN D 218 31.66 -31.60 35.19
C GLN D 218 31.70 -32.32 36.51
N ARG D 219 31.21 -33.55 36.53
CA ARG D 219 31.21 -34.36 37.74
C ARG D 219 32.35 -35.36 37.63
N ASP D 220 33.45 -35.08 38.30
CA ASP D 220 34.65 -35.94 38.29
C ASP D 220 35.20 -36.19 36.89
N GLY D 221 34.90 -35.28 35.95
CA GLY D 221 35.35 -35.42 34.56
C GLY D 221 34.16 -35.45 33.61
N GLU D 222 33.10 -36.13 34.03
CA GLU D 222 31.87 -36.25 33.25
C GLU D 222 31.19 -34.90 33.11
N ASP D 223 30.86 -34.52 31.89
CA ASP D 223 30.22 -33.24 31.66
C ASP D 223 28.70 -33.36 32.01
N GLN D 224 28.18 -32.40 32.79
CA GLN D 224 26.77 -32.38 33.23
C GLN D 224 25.93 -31.51 32.30
N THR D 225 26.03 -31.76 30.99
CA THR D 225 25.33 -30.96 29.98
C THR D 225 23.84 -30.71 30.18
N GLN D 226 23.12 -31.61 30.86
CA GLN D 226 21.65 -31.44 31.03
C GLN D 226 21.13 -31.18 32.46
N ASP D 227 21.88 -31.56 33.49
CA ASP D 227 21.42 -31.32 34.87
C ASP D 227 21.92 -29.97 35.40
N THR D 228 22.19 -29.05 34.45
CA THR D 228 22.70 -27.72 34.75
C THR D 228 21.70 -26.61 34.45
N GLU D 229 21.59 -25.65 35.37
CA GLU D 229 20.74 -24.48 35.15
C GLU D 229 21.68 -23.35 34.79
N LEU D 230 21.29 -22.54 33.81
CA LEU D 230 22.14 -21.48 33.28
C LEU D 230 21.34 -20.23 32.87
N VAL D 231 21.67 -19.04 33.39
CA VAL D 231 20.91 -17.83 32.99
C VAL D 231 21.56 -17.10 31.83
N GLU D 232 20.78 -16.19 31.20
CA GLU D 232 21.28 -15.37 30.11
C GLU D 232 22.33 -14.47 30.65
N THR D 233 23.32 -14.13 29.84
CA THR D 233 24.33 -13.21 30.28
C THR D 233 23.59 -11.87 30.53
N ARG D 234 24.09 -11.03 31.42
CA ARG D 234 23.41 -9.76 31.71
C ARG D 234 24.40 -8.64 31.96
N PRO D 235 24.01 -7.41 31.62
CA PRO D 235 24.91 -6.29 31.82
C PRO D 235 25.03 -5.92 33.27
N ALA D 236 26.24 -5.51 33.65
CA ALA D 236 26.50 -5.07 34.99
C ALA D 236 26.03 -3.65 35.08
N GLY D 237 26.15 -2.93 33.97
CA GLY D 237 25.76 -1.54 33.88
C GLY D 237 26.97 -0.61 33.80
N ASP D 238 28.17 -1.17 33.95
CA ASP D 238 29.39 -0.38 33.92
C ASP D 238 30.24 -0.65 32.70
N GLY D 239 29.72 -1.43 31.76
CA GLY D 239 30.45 -1.78 30.55
C GLY D 239 30.87 -3.24 30.52
N THR D 240 30.64 -3.96 31.62
CA THR D 240 30.98 -5.39 31.71
C THR D 240 29.74 -6.25 31.81
N PHE D 241 29.92 -7.56 31.91
CA PHE D 241 28.79 -8.49 32.00
C PHE D 241 28.86 -9.45 33.19
N GLN D 242 27.83 -10.28 33.32
CA GLN D 242 27.73 -11.22 34.41
C GLN D 242 26.95 -12.44 33.96
N LYS D 243 27.26 -13.59 34.57
CA LYS D 243 26.56 -14.85 34.26
C LYS D 243 26.86 -15.93 35.30
N TRP D 244 25.88 -16.79 35.56
CA TRP D 244 26.12 -17.89 36.49
C TRP D 244 25.54 -19.22 35.98
N ALA D 245 26.06 -20.33 36.50
CA ALA D 245 25.60 -21.67 36.14
C ALA D 245 25.52 -22.45 37.43
N ALA D 246 24.54 -23.35 37.53
CA ALA D 246 24.36 -24.10 38.77
C ALA D 246 23.81 -25.49 38.60
N VAL D 247 24.22 -26.39 39.49
CA VAL D 247 23.76 -27.78 39.47
C VAL D 247 23.33 -28.19 40.84
N VAL D 248 22.52 -29.23 40.90
CA VAL D 248 22.08 -29.77 42.17
C VAL D 248 23.04 -30.92 42.49
N VAL D 249 23.44 -30.98 43.74
CA VAL D 249 24.41 -31.94 44.19
C VAL D 249 24.02 -32.65 45.47
N PRO D 250 24.30 -33.97 45.55
CA PRO D 250 24.02 -34.71 46.77
C PRO D 250 24.93 -34.17 47.85
N SER D 251 24.35 -33.59 48.90
CA SER D 251 25.17 -32.99 49.97
C SER D 251 26.09 -34.02 50.61
N GLY D 252 27.36 -33.90 50.26
CA GLY D 252 28.41 -34.79 50.70
C GLY D 252 29.34 -35.12 49.52
N GLU D 253 29.04 -34.56 48.35
CA GLU D 253 29.83 -34.82 47.14
C GLU D 253 30.14 -33.56 46.35
N GLU D 254 30.19 -32.42 47.02
CA GLU D 254 30.49 -31.16 46.37
C GLU D 254 31.86 -31.17 45.65
N GLN D 255 32.80 -32.01 46.13
CA GLN D 255 34.13 -32.10 45.50
C GLN D 255 34.04 -32.69 44.10
N ARG D 256 33.26 -33.74 43.93
CA ARG D 256 33.15 -34.37 42.61
C ARG D 256 32.88 -33.38 41.48
N TYR D 257 32.10 -32.36 41.77
CA TYR D 257 31.75 -31.35 40.77
C TYR D 257 32.83 -30.28 40.57
N THR D 258 33.15 -30.02 39.29
CA THR D 258 34.14 -29.05 38.91
C THR D 258 33.45 -28.07 37.99
N CYS D 259 33.85 -26.81 38.04
CA CYS D 259 33.28 -25.82 37.17
C CYS D 259 34.33 -25.43 36.14
N HIS D 260 33.92 -25.10 34.91
CA HIS D 260 34.87 -24.71 33.84
C HIS D 260 34.45 -23.42 33.15
N VAL D 261 35.34 -22.43 33.16
CA VAL D 261 35.05 -21.14 32.56
C VAL D 261 35.95 -20.84 31.35
N GLN D 262 35.33 -20.44 30.24
CA GLN D 262 36.08 -20.12 29.03
C GLN D 262 35.74 -18.71 28.60
N HIS D 263 36.75 -17.89 28.39
CA HIS D 263 36.54 -16.52 27.99
C HIS D 263 37.79 -16.01 27.31
N GLU D 264 37.61 -15.17 26.32
CA GLU D 264 38.72 -14.62 25.56
C GLU D 264 39.85 -14.01 26.38
N GLY D 265 39.51 -13.38 27.48
CA GLY D 265 40.52 -12.75 28.34
C GLY D 265 41.29 -13.70 29.24
N LEU D 266 40.93 -14.97 29.22
CA LEU D 266 41.64 -15.94 30.05
C LEU D 266 42.75 -16.61 29.27
N PRO D 267 44.00 -16.46 29.76
CA PRO D 267 45.13 -17.10 29.11
C PRO D 267 44.87 -18.60 28.95
N LYS D 268 44.15 -19.18 29.89
CA LYS D 268 43.81 -20.58 29.86
C LYS D 268 42.46 -20.71 30.55
N PRO D 269 41.60 -21.67 30.14
CA PRO D 269 40.29 -21.80 30.80
C PRO D 269 40.37 -22.12 32.29
N LEU D 270 39.55 -21.46 33.11
CA LEU D 270 39.56 -21.71 34.55
C LEU D 270 38.87 -23.01 34.89
N THR D 271 39.22 -23.58 36.03
CA THR D 271 38.68 -24.84 36.49
C THR D 271 38.45 -24.74 37.99
N LEU D 272 37.24 -24.39 38.39
CA LEU D 272 36.92 -24.19 39.82
C LEU D 272 36.45 -25.46 40.49
N ARG D 273 36.53 -25.45 41.82
CA ARG D 273 36.21 -26.62 42.63
C ARG D 273 35.73 -26.13 44.00
N TRP D 274 34.63 -26.67 44.52
CA TRP D 274 34.14 -26.23 45.85
C TRP D 274 35.04 -26.85 46.94
N GLU D 275 36.22 -26.28 47.08
CA GLU D 275 37.21 -26.74 48.02
C GLU D 275 38.30 -25.68 48.13
N PRO D 276 38.85 -25.47 49.36
CA PRO D 276 39.94 -24.50 49.62
C PRO D 276 41.06 -24.60 48.59
N GLY D 277 41.01 -23.74 47.59
CA GLY D 277 41.94 -23.74 46.49
C GLY D 277 41.13 -23.90 45.20
N SER D 278 40.21 -22.93 44.95
CA SER D 278 39.35 -22.88 43.72
C SER D 278 37.87 -22.41 43.91
N GLY D 279 37.60 -21.35 44.69
CA GLY D 279 36.19 -20.90 44.84
C GLY D 279 35.80 -20.06 46.05
N GLY D 280 36.52 -20.23 47.16
CA GLY D 280 36.23 -19.52 48.41
C GLY D 280 36.87 -20.21 49.61
N GLY D 281 38.14 -19.89 49.84
CA GLY D 281 38.91 -20.42 50.97
C GLY D 281 39.31 -19.27 51.85
N LEU D 282 38.40 -18.29 51.97
CA LEU D 282 38.56 -17.09 52.80
C LEU D 282 37.81 -17.31 54.12
N ASN D 283 37.15 -18.45 54.23
CA ASN D 283 36.37 -18.78 55.42
C ASN D 283 37.22 -19.22 56.60
N ASP D 284 38.31 -18.51 56.84
CA ASP D 284 39.20 -18.79 57.97
C ASP D 284 40.19 -17.64 58.13
N ILE D 285 39.63 -16.42 58.06
CA ILE D 285 40.37 -15.20 58.23
C ILE D 285 40.44 -15.03 59.78
N PHE D 286 41.64 -14.68 60.26
CA PHE D 286 41.92 -14.48 61.70
C PHE D 286 42.06 -15.83 62.40
N MET E 1 -0.81 -12.59 17.08
CA MET E 1 0.56 -12.44 16.52
C MET E 1 1.60 -12.64 17.61
N ILE E 2 2.85 -12.64 17.19
CA ILE E 2 4.00 -12.82 18.08
C ILE E 2 3.96 -12.00 19.38
N GLN E 3 3.97 -12.71 20.51
CA GLN E 3 4.00 -12.10 21.85
C GLN E 3 4.81 -12.95 22.81
N ARG E 4 5.98 -12.44 23.19
CA ARG E 4 6.87 -13.15 24.10
C ARG E 4 6.90 -12.52 25.48
N THR E 5 6.77 -13.36 26.51
CA THR E 5 6.81 -12.91 27.90
C THR E 5 8.22 -12.54 28.27
N PRO E 6 8.40 -11.43 28.98
CA PRO E 6 9.74 -11.03 29.38
C PRO E 6 10.34 -11.92 30.47
N LYS E 7 11.67 -11.97 30.48
CA LYS E 7 12.41 -12.71 31.48
C LYS E 7 13.00 -11.65 32.36
N ILE E 8 12.88 -11.83 33.68
CA ILE E 8 13.39 -10.86 34.63
C ILE E 8 14.55 -11.36 35.47
N GLN E 9 15.52 -10.50 35.67
CA GLN E 9 16.66 -10.74 36.55
C GLN E 9 16.88 -9.43 37.34
N VAL E 10 16.84 -9.54 38.65
CA VAL E 10 17.06 -8.40 39.50
C VAL E 10 18.36 -8.70 40.27
N TYR E 11 19.33 -7.79 40.18
CA TYR E 11 20.65 -7.99 40.80
C TYR E 11 21.40 -6.68 40.97
N SER E 12 22.60 -6.77 41.52
CA SER E 12 23.42 -5.58 41.79
C SER E 12 24.64 -5.52 40.90
N ARG E 13 25.18 -4.32 40.69
CA ARG E 13 26.33 -4.20 39.84
C ARG E 13 27.48 -4.95 40.47
N HIS E 14 27.87 -4.54 41.68
CA HIS E 14 28.99 -5.17 42.42
C HIS E 14 28.46 -5.98 43.61
N PRO E 15 29.29 -6.88 44.16
CA PRO E 15 28.84 -7.64 45.33
C PRO E 15 28.28 -6.73 46.44
N ALA E 16 27.13 -7.14 47.00
CA ALA E 16 26.46 -6.38 48.03
C ALA E 16 27.29 -6.27 49.32
N GLU E 17 27.27 -5.09 49.91
CA GLU E 17 28.00 -4.85 51.13
C GLU E 17 27.34 -3.72 51.86
N ASN E 18 26.58 -4.08 52.89
CA ASN E 18 25.85 -3.11 53.71
C ASN E 18 26.65 -1.84 53.97
N GLY E 19 26.02 -0.69 53.77
CA GLY E 19 26.69 0.57 53.98
C GLY E 19 27.36 1.11 52.73
N LYS E 20 27.75 0.23 51.80
CA LYS E 20 28.43 0.69 50.55
C LYS E 20 27.51 0.89 49.35
N SER E 21 27.80 1.92 48.56
CA SER E 21 27.01 2.24 47.38
C SER E 21 27.09 1.13 46.41
N ASN E 22 26.08 1.06 45.56
CA ASN E 22 26.02 0.04 44.58
C ASN E 22 24.90 0.44 43.67
N PHE E 23 24.56 -0.44 42.74
CA PHE E 23 23.47 -0.19 41.81
C PHE E 23 22.50 -1.36 41.75
N LEU E 24 21.22 -1.04 41.82
CA LEU E 24 20.17 -2.03 41.76
C LEU E 24 19.75 -2.09 40.31
N ASN E 25 19.77 -3.30 39.74
CA ASN E 25 19.41 -3.52 38.34
C ASN E 25 18.23 -4.45 38.10
N CYS E 26 17.42 -4.13 37.11
CA CYS E 26 16.37 -5.02 36.72
C CYS E 26 16.54 -5.17 35.21
N TYR E 27 16.90 -6.37 34.77
CA TYR E 27 17.13 -6.62 33.37
C TYR E 27 16.08 -7.54 32.78
N VAL E 28 15.17 -6.92 32.04
CA VAL E 28 14.08 -7.61 31.37
C VAL E 28 14.50 -7.83 29.91
N SER E 29 14.10 -8.97 29.34
CA SER E 29 14.48 -9.29 27.97
C SER E 29 13.70 -10.44 27.37
N GLY E 30 13.91 -10.67 26.08
CA GLY E 30 13.25 -11.74 25.36
C GLY E 30 11.76 -11.53 25.17
N PHE E 31 11.32 -10.26 25.28
CA PHE E 31 9.91 -9.90 25.14
C PHE E 31 9.57 -9.17 23.87
N HIS E 32 8.28 -9.17 23.56
CA HIS E 32 7.74 -8.53 22.38
C HIS E 32 6.25 -8.54 22.60
N PRO E 33 5.56 -7.40 22.38
CA PRO E 33 6.00 -6.07 21.91
C PRO E 33 6.90 -5.30 22.85
N SER E 34 7.38 -4.17 22.37
CA SER E 34 8.30 -3.33 23.09
C SER E 34 7.63 -2.54 24.23
N ASP E 35 6.31 -2.47 24.20
CA ASP E 35 5.61 -1.76 25.24
C ASP E 35 5.65 -2.59 26.54
N ILE E 36 6.23 -2.00 27.59
CA ILE E 36 6.39 -2.67 28.88
C ILE E 36 6.70 -1.66 29.96
N GLU E 37 6.15 -1.85 31.15
CA GLU E 37 6.40 -0.93 32.27
C GLU E 37 7.19 -1.66 33.34
N VAL E 38 8.15 -0.94 33.96
CA VAL E 38 9.02 -1.52 34.97
C VAL E 38 9.36 -0.54 36.08
N ASP E 39 9.22 -1.01 37.32
CA ASP E 39 9.55 -0.22 38.50
C ASP E 39 10.37 -1.04 39.50
N LEU E 40 11.22 -0.34 40.24
CA LEU E 40 12.03 -0.94 41.26
C LEU E 40 11.40 -0.52 42.56
N LEU E 41 11.19 -1.50 43.44
CA LEU E 41 10.54 -1.25 44.69
C LEU E 41 11.46 -1.38 45.86
N LYS E 42 11.37 -0.42 46.79
CA LYS E 42 12.12 -0.46 48.02
C LYS E 42 11.11 -0.73 49.11
N ASN E 43 11.29 -1.83 49.84
CA ASN E 43 10.39 -2.22 50.90
C ASN E 43 8.95 -2.10 50.46
N GLY E 44 8.69 -2.38 49.18
CA GLY E 44 7.33 -2.32 48.65
C GLY E 44 7.03 -1.09 47.84
N GLU E 45 7.45 0.08 48.33
CA GLU E 45 7.18 1.32 47.60
C GLU E 45 8.14 1.58 46.43
N ARG E 46 7.59 2.17 45.37
CA ARG E 46 8.32 2.48 44.15
C ARG E 46 9.40 3.53 44.32
N ILE E 47 10.52 3.31 43.65
CA ILE E 47 11.68 4.21 43.72
C ILE E 47 11.65 5.27 42.64
N GLU E 48 12.03 6.48 43.00
CA GLU E 48 12.02 7.58 42.03
C GLU E 48 13.34 7.72 41.30
N LYS E 49 13.32 8.53 40.25
CA LYS E 49 14.49 8.85 39.44
C LYS E 49 15.27 7.64 38.94
N VAL E 50 14.56 6.59 38.57
CA VAL E 50 15.19 5.39 38.04
C VAL E 50 15.51 5.62 36.59
N GLU E 51 16.68 5.20 36.13
CA GLU E 51 17.05 5.36 34.74
C GLU E 51 16.94 4.03 34.01
N HIS E 52 16.99 4.07 32.68
CA HIS E 52 16.92 2.85 31.90
C HIS E 52 17.71 3.01 30.62
N SER E 53 18.05 1.88 30.01
CA SER E 53 18.82 1.91 28.78
C SER E 53 17.93 2.14 27.58
N ASP E 54 18.54 2.42 26.44
CA ASP E 54 17.83 2.65 25.19
C ASP E 54 17.32 1.29 24.60
N LEU E 55 16.12 1.30 24.03
CA LEU E 55 15.53 0.09 23.50
C LEU E 55 16.44 -0.61 22.48
N SER E 56 16.48 -1.94 22.53
CA SER E 56 17.29 -2.71 21.57
C SER E 56 16.74 -4.16 21.37
N PHE E 57 17.42 -4.97 20.63
CA PHE E 57 16.90 -6.33 20.42
C PHE E 57 17.90 -7.35 19.98
N SER E 58 17.67 -8.57 20.44
CA SER E 58 18.52 -9.72 20.14
C SER E 58 18.39 -10.17 18.69
N LYS E 59 19.17 -11.19 18.31
CA LYS E 59 19.12 -11.71 16.93
C LYS E 59 17.72 -12.11 16.47
N ASP E 60 16.88 -12.53 17.42
CA ASP E 60 15.47 -12.92 17.13
C ASP E 60 14.43 -11.77 17.24
N TRP E 61 14.92 -10.53 17.23
CA TRP E 61 14.05 -9.32 17.31
C TRP E 61 13.35 -9.12 18.65
N SER E 62 13.63 -9.97 19.64
CA SER E 62 13.00 -9.80 20.94
C SER E 62 13.73 -8.64 21.69
N PHE E 63 12.98 -7.76 22.31
CA PHE E 63 13.58 -6.60 22.94
C PHE E 63 14.18 -6.93 24.28
N TYR E 64 15.05 -6.02 24.73
CA TYR E 64 15.70 -6.11 26.05
C TYR E 64 16.13 -4.70 26.60
N LEU E 65 15.85 -4.49 27.89
CA LEU E 65 16.21 -3.22 28.60
C LEU E 65 16.79 -3.43 30.01
N LEU E 66 17.63 -2.49 30.42
CA LEU E 66 18.19 -2.48 31.77
C LEU E 66 17.68 -1.28 32.52
N TYR E 67 17.02 -1.53 33.64
CA TYR E 67 16.53 -0.47 34.53
C TYR E 67 17.43 -0.49 35.75
N TYR E 68 18.01 0.67 36.07
CA TYR E 68 18.95 0.75 37.17
C TYR E 68 18.78 1.99 38.02
N THR E 69 19.32 1.93 39.23
CA THR E 69 19.26 3.03 40.19
C THR E 69 20.35 2.84 41.23
N GLU E 70 20.98 3.92 41.66
CA GLU E 70 22.03 3.82 42.66
C GLU E 70 21.38 3.69 44.04
N PHE E 71 21.99 2.90 44.93
CA PHE E 71 21.41 2.68 46.28
C PHE E 71 22.43 2.15 47.27
N THR E 72 22.01 2.00 48.52
CA THR E 72 22.86 1.46 49.58
C THR E 72 22.17 0.30 50.25
N PRO E 73 22.77 -0.89 50.18
CA PRO E 73 22.12 -2.03 50.80
C PRO E 73 22.25 -2.02 52.32
N THR E 74 21.27 -2.63 52.99
CA THR E 74 21.24 -2.75 54.46
C THR E 74 20.65 -4.11 54.85
N GLU E 75 21.05 -4.60 56.00
CA GLU E 75 20.58 -5.88 56.55
C GLU E 75 19.05 -6.04 56.50
N LYS E 76 18.30 -4.95 56.72
CA LYS E 76 16.82 -4.95 56.76
C LYS E 76 16.09 -4.64 55.44
N ASP E 77 16.47 -3.54 54.79
CA ASP E 77 15.80 -3.10 53.54
C ASP E 77 15.77 -4.17 52.49
N GLU E 78 14.60 -4.32 51.86
CA GLU E 78 14.39 -5.30 50.80
C GLU E 78 13.98 -4.59 49.52
N TYR E 79 14.56 -5.01 48.41
CA TYR E 79 14.28 -4.41 47.12
C TYR E 79 13.71 -5.45 46.16
N ALA E 80 12.88 -4.98 45.21
CA ALA E 80 12.27 -5.86 44.22
C ALA E 80 12.09 -5.13 42.90
N CYS E 81 11.61 -5.87 41.90
CA CYS E 81 11.36 -5.31 40.57
C CYS E 81 9.96 -5.66 40.18
N ARG E 82 9.21 -4.70 39.65
CA ARG E 82 7.82 -4.97 39.25
C ARG E 82 7.61 -4.73 37.75
N VAL E 83 7.52 -5.83 37.01
CA VAL E 83 7.33 -5.79 35.58
C VAL E 83 5.87 -5.98 35.22
N ASN E 84 5.42 -5.29 34.18
CA ASN E 84 4.05 -5.44 33.67
C ASN E 84 4.09 -5.53 32.14
N HIS E 85 3.35 -6.48 31.56
CA HIS E 85 3.37 -6.68 30.10
C HIS E 85 2.10 -7.42 29.66
N VAL E 86 1.71 -7.23 28.40
CA VAL E 86 0.49 -7.87 27.88
C VAL E 86 0.43 -9.39 28.09
N THR E 87 1.60 -10.02 28.20
CA THR E 87 1.67 -11.46 28.40
C THR E 87 1.45 -11.88 29.85
N LEU E 88 1.35 -10.89 30.74
CA LEU E 88 1.15 -11.13 32.16
C LEU E 88 -0.26 -10.71 32.57
N SER E 89 -0.85 -11.51 33.46
CA SER E 89 -2.20 -11.24 33.99
C SER E 89 -2.20 -10.06 34.95
N GLN E 90 -1.07 -9.88 35.61
CA GLN E 90 -0.88 -8.78 36.55
C GLN E 90 0.61 -8.64 36.87
N PRO E 91 1.04 -7.40 37.21
CA PRO E 91 2.44 -7.08 37.48
C PRO E 91 3.18 -8.22 38.15
N LYS E 92 4.39 -8.48 37.69
CA LYS E 92 5.19 -9.56 38.21
C LYS E 92 6.20 -8.96 39.12
N ILE E 93 6.36 -9.54 40.30
CA ILE E 93 7.30 -9.03 41.27
C ILE E 93 8.37 -10.06 41.60
N VAL E 94 9.61 -9.69 41.33
CA VAL E 94 10.73 -10.55 41.62
C VAL E 94 11.62 -9.86 42.66
N LYS E 95 11.78 -10.50 43.84
CA LYS E 95 12.61 -9.94 44.91
C LYS E 95 14.07 -9.97 44.54
N TRP E 96 14.85 -9.11 45.19
CA TRP E 96 16.29 -9.11 45.02
C TRP E 96 16.92 -9.96 46.11
N ASP E 97 17.45 -11.10 45.70
CA ASP E 97 18.12 -12.03 46.59
C ASP E 97 19.62 -11.84 46.36
N ARG E 98 20.34 -11.34 47.35
CA ARG E 98 21.77 -11.06 47.17
C ARG E 98 22.68 -12.31 47.04
N ASP E 99 22.10 -13.49 46.77
CA ASP E 99 22.92 -14.72 46.63
C ASP E 99 22.63 -15.53 45.39
N MET E 100 21.44 -15.35 44.83
CA MET E 100 20.98 -16.17 43.73
C MET E 100 20.42 -15.38 42.57
N VAL F 1 29.34 4.89 11.26
CA VAL F 1 28.66 5.88 10.37
C VAL F 1 27.34 5.27 9.88
N TYR F 2 26.24 5.92 10.21
CA TYR F 2 24.90 5.43 9.87
C TYR F 2 24.73 5.27 8.35
N GLY F 3 23.77 4.47 7.95
CA GLY F 3 23.52 4.22 6.54
C GLY F 3 22.50 5.13 5.89
N PHE F 4 22.22 4.82 4.63
CA PHE F 4 21.26 5.54 3.82
C PHE F 4 20.07 4.62 3.60
N VAL F 5 19.05 4.82 4.42
CA VAL F 5 17.83 4.02 4.40
C VAL F 5 16.66 4.84 3.85
N ARG F 6 16.55 4.85 2.53
CA ARG F 6 15.52 5.64 1.85
C ARG F 6 14.42 4.80 1.13
N ALA F 7 14.61 3.47 1.04
CA ALA F 7 13.68 2.57 0.31
C ALA F 7 12.35 2.24 0.97
N CYS F 8 11.27 2.39 0.22
CA CYS F 8 9.92 2.09 0.69
C CYS F 8 9.56 0.66 0.40
N LEU F 9 8.69 0.07 1.22
CA LEU F 9 8.26 -1.29 0.95
C LEU F 9 7.35 -1.29 -0.28
S SO4 G . -2.11 6.23 3.60
O1 SO4 G . -1.62 5.17 4.47
O2 SO4 G . -1.74 5.97 2.21
O3 SO4 G . -1.50 7.50 3.97
O4 SO4 G . -3.57 6.29 3.72
S SO4 H . -36.59 8.92 -51.94
O1 SO4 H . -37.07 10.25 -52.34
O2 SO4 H . -35.78 8.37 -53.01
O3 SO4 H . -35.77 9.05 -50.73
O4 SO4 H . -37.72 8.04 -51.66
S SO4 I . -11.59 -6.35 1.66
O1 SO4 I . -12.79 -7.09 1.27
O2 SO4 I . -10.59 -6.41 0.58
O3 SO4 I . -11.93 -4.96 1.95
O4 SO4 I . -11.01 -6.96 2.85
C1 GOL J . -23.26 3.83 -22.16
O1 GOL J . -21.84 3.71 -22.04
C2 GOL J . -23.89 2.53 -22.68
O2 GOL J . -24.97 2.85 -23.53
C3 GOL J . -24.39 1.69 -21.52
O3 GOL J . -24.48 0.34 -21.93
S SO4 K . -19.73 30.58 -19.15
O1 SO4 K . -18.36 30.14 -18.97
O2 SO4 K . -19.77 31.63 -20.17
O3 SO4 K . -20.25 31.11 -17.89
O4 SO4 K . -20.55 29.43 -19.58
S SO4 L . -17.76 20.29 -14.72
O1 SO4 L . -16.65 20.34 -13.76
O2 SO4 L . -17.78 19.00 -15.41
O3 SO4 L . -17.58 21.38 -15.68
O4 SO4 L . -19.04 20.50 -14.01
C1 GOL M . -27.69 16.53 -39.73
O1 GOL M . -27.41 15.70 -38.63
C2 GOL M . -26.47 16.64 -40.65
O2 GOL M . -26.20 15.38 -41.26
C3 GOL M . -25.17 17.14 -39.95
O3 GOL M . -25.37 17.50 -38.59
S SO4 N . 40.06 -20.22 46.94
O1 SO4 N . 39.20 -20.12 45.76
O2 SO4 N . 41.44 -20.43 46.51
O3 SO4 N . 40.00 -18.96 47.70
O4 SO4 N . 39.61 -21.35 47.77
C1 GOL O . 25.41 -7.15 19.76
O1 GOL O . 25.56 -7.00 18.37
C2 GOL O . 24.27 -6.22 20.22
O2 GOL O . 24.83 -5.15 20.96
C3 GOL O . 23.21 -6.96 21.04
O3 GOL O . 21.92 -6.83 20.47
S SO4 P . 9.75 9.12 39.11
O1 SO4 P . 9.08 8.48 40.24
O2 SO4 P . 10.95 8.35 38.77
O3 SO4 P . 10.15 10.49 39.45
O4 SO4 P . 8.84 9.17 37.96
S SO4 Q . 10.28 6.22 28.03
O1 SO4 Q . 10.50 6.41 29.46
O2 SO4 Q . 10.19 4.79 27.73
O3 SO4 Q . 11.41 6.82 27.31
O4 SO4 Q . 9.01 6.86 27.67
C1 GOL R . 25.43 -9.78 41.34
O1 GOL R . 24.41 -9.47 42.26
C2 GOL R . 26.62 -10.43 42.05
O2 GOL R . 26.22 -11.61 42.70
C3 GOL R . 27.24 -9.49 43.08
O3 GOL R . 27.57 -8.27 42.47
#